data_7SQO
#
_entry.id   7SQO
#
_cell.length_a   1.00
_cell.length_b   1.00
_cell.length_c   1.00
_cell.angle_alpha   90.00
_cell.angle_beta   90.00
_cell.angle_gamma   90.00
#
_symmetry.space_group_name_H-M   'P 1'
#
loop_
_entity.id
_entity.type
_entity.pdbx_description
1 polymer 'Orexin receptor type 2'
2 polymer 'Guanine nucleotide-binding protein G(i) subunit alpha-1'
3 polymer 'Guanine nucleotide-binding protein G(I)/G(S)/G(T) subunit beta-1'
4 polymer 'Guanine nucleotide-binding protein G(I)/G(S)/G(O) subunit gamma-2'
5 polymer scFv-16
6 non-polymer 'OLEIC ACID'
7 non-polymer 'methyl (2R,3S)-3-[(methanesulfonyl)amino]-2-({[(1s,4S)-4-phenylcyclohexyl]oxy}methyl)piperidine-1-carboxylate'
#
loop_
_entity_poly.entity_id
_entity_poly.type
_entity_poly.pdbx_seq_one_letter_code
_entity_poly.pdbx_strand_id
1 'polypeptide(L)'
;MSGTKLEDSPPCRNWSSASELNETQEPFLNPTDYDDEEFLRYLWREYLHPKEYEWVLIAGYIIVFVVALIGNVLVCVAVW
KNHHMRTVTNYFIVNLSLADVLVTITCLPATLVVDITETWFFGQSLCKVIPYLQTVSVSVSVLTLSCIALDRWYAICHPL
MFKSTAKRARNSIVIIWIVSCIIMIPQAIVMECSTVFPGLANKTTLFTVCDERWGGEIYPKMYHICFFLVTYMAPLCLMV
LAYLQIFRKLWCRQIPGTSSVVQRKWKPLQPVSQPRGPGQPTKSRMSAVAAEIKQIRARRKTARMLMVVLLVFAICYLPI
SILNVLKRVFGMFAHTEDRETVYAWFTFSHWLVYANSAANPIIYNFLSGKFREEFKAAFSCCCLGVHHRQEDRLTRGRTS
TESRKSLTTQISNFDNISKLSEQVVLTSISTLPAANGAGPLQNW
;
R
2 'polypeptide(L)'
;MGCTLSAEDKAAVERSKMIDRNLREDGEKAAREVKLLLLGAGESGKSTIVKQMKIIHEAGYSEEECKQYKAVVYSNTIQS
IIAIIRAMGRLKIDFGDSARADDARQLFVLAGAAEEGFMTAELAGVIKRLWKDSGVQACFNRSREYQLNDSAAYYLNDLD
RIAQPNYIPTQQDVLRTRVKTTGIVETHFTFKDLHFKMFDVGGQRDERKKWIHCFEGVTAIIFCVALSDYDLVLAEDEEM
NRMHESMKLFDSICNNKWFTDTSIILFLNKKDLFEEKIKKSPLTICYPEYAGSNTYEEAAAYIQCQFEDLNKRKDTKEIY
THFTCSTDTKNVQFVFDAVTDVIIKNNLKDCGLF
;
A
3 'polypeptide(L)'
;MHHHHHHHHMGSLLQSELDQLRQEAEQLKNQIRDARKACADATLSQITNNIDPVGRIQMRTRRTLRGHLAKIYAMHWGTD
SRLLVSASQDGKLIIWDSYTTNKVHAIPLRSSWVMTCAYAPSGNYVACGGLDNICSIYNLKTREGNVRVSRELAGHTGYL
SCCRFLDDNQIVTSSGDTTCALWDIETGQQTTTFTGHTGDVMSLSLAPDTRLFVSGACDASAKLWDVREGMCRQTFTGHE
SDINAICFFPNGNAFATGSDDATCRLFDLRADQELMTYSHDNIICGITSVSFSKSGRLLLAGYDDFNCNVWDALKADRAG
VLAGHDNRVSCLGVTDDGMAVATGSWDSFLKIWN
;
B
4 'polypeptide(L)' MASNNTASIAQARKLVEQLKMEANIDRIKVSKAAADLMAYCEAHAKEDPLLTPVPASENPFREKKFFC G
5 'polypeptide(L)'
;VQLVESGGGLVQPGGSRKLSCSASGFAFSSFGMHWVRQAPEKGLEWVAYISSGSGTIYYADTVKGRFTISRDDPKNTLFL
QMTSLRSEDTAMYYCVRSIYYYGSSPFDFWGQGTTLTVSAGGGGSGGGGSGGGGSADIVMTQATSSVPVTPGESVSISCR
SSKSLLHSNGNTYLYWFLQRPGQSPQLLIYRMSNLASGVPDRFSGSGSGTAFTLTISRLEAEDVGVYYCMQHLEYPLTFG
AGTKLEL
;
E
#
# COMPACT_ATOMS: atom_id res chain seq x y z
N TRP A 55 33.94 -1.93 49.01
CA TRP A 55 34.64 -2.36 47.81
C TRP A 55 33.67 -2.82 46.74
N VAL A 56 32.42 -3.08 47.14
CA VAL A 56 31.41 -3.58 46.22
C VAL A 56 31.00 -2.54 45.20
N LEU A 57 31.43 -1.29 45.35
CA LEU A 57 31.02 -0.25 44.41
C LEU A 57 31.51 -0.55 43.00
N ILE A 58 32.75 -1.02 42.87
CA ILE A 58 33.28 -1.34 41.55
C ILE A 58 32.49 -2.48 40.92
N ALA A 59 32.18 -3.51 41.70
CA ALA A 59 31.40 -4.63 41.18
C ALA A 59 30.02 -4.16 40.73
N GLY A 60 29.38 -3.31 41.52
CA GLY A 60 28.09 -2.76 41.12
C GLY A 60 28.18 -1.96 39.84
N TYR A 61 29.22 -1.13 39.71
CA TYR A 61 29.39 -0.35 38.49
C TYR A 61 29.56 -1.26 37.29
N ILE A 62 30.39 -2.30 37.41
CA ILE A 62 30.64 -3.18 36.27
C ILE A 62 29.38 -3.96 35.89
N ILE A 63 28.65 -4.48 36.88
CA ILE A 63 27.44 -5.23 36.57
C ILE A 63 26.41 -4.32 35.92
N VAL A 64 26.25 -3.09 36.43
CA VAL A 64 25.33 -2.16 35.81
C VAL A 64 25.76 -1.86 34.37
N PHE A 65 27.06 -1.67 34.16
CA PHE A 65 27.58 -1.41 32.82
C PHE A 65 27.18 -2.53 31.86
N VAL A 66 27.50 -3.77 32.24
CA VAL A 66 27.25 -4.90 31.33
C VAL A 66 25.75 -5.07 31.11
N VAL A 67 24.95 -4.96 32.16
CA VAL A 67 23.52 -5.15 32.02
C VAL A 67 22.93 -4.08 31.11
N ALA A 68 23.34 -2.82 31.31
CA ALA A 68 22.83 -1.74 30.48
C ALA A 68 23.17 -1.97 29.02
N LEU A 69 24.43 -2.32 28.73
CA LEU A 69 24.82 -2.53 27.33
C LEU A 69 24.04 -3.69 26.72
N ILE A 70 23.95 -4.82 27.42
CA ILE A 70 23.29 -5.98 26.83
C ILE A 70 21.81 -5.67 26.59
N GLY A 71 21.15 -5.05 27.57
CA GLY A 71 19.75 -4.71 27.39
C GLY A 71 19.53 -3.74 26.24
N ASN A 72 20.36 -2.70 26.17
CA ASN A 72 20.19 -1.70 25.12
C ASN A 72 20.41 -2.30 23.74
N VAL A 73 21.45 -3.13 23.59
CA VAL A 73 21.71 -3.72 22.28
C VAL A 73 20.59 -4.69 21.91
N LEU A 74 20.09 -5.47 22.89
CA LEU A 74 18.98 -6.36 22.61
C LEU A 74 17.76 -5.59 22.13
N VAL A 75 17.44 -4.49 22.83
CA VAL A 75 16.27 -3.70 22.46
C VAL A 75 16.46 -3.11 21.07
N CYS A 76 17.64 -2.58 20.79
CA CYS A 76 17.89 -1.95 19.49
C CYS A 76 17.75 -2.97 18.36
N VAL A 77 18.37 -4.14 18.51
CA VAL A 77 18.28 -5.14 17.45
C VAL A 77 16.84 -5.61 17.29
N ALA A 78 16.14 -5.85 18.41
CA ALA A 78 14.77 -6.34 18.33
C ALA A 78 13.87 -5.33 17.60
N VAL A 79 14.02 -4.04 17.92
CA VAL A 79 13.18 -3.02 17.30
C VAL A 79 13.63 -2.65 15.90
N TRP A 80 14.84 -3.03 15.50
CA TRP A 80 15.33 -2.74 14.16
C TRP A 80 15.39 -3.95 13.24
N LYS A 81 15.61 -5.15 13.78
CA LYS A 81 15.64 -6.36 12.98
C LYS A 81 14.29 -7.05 12.90
N ASN A 82 13.25 -6.46 13.49
CA ASN A 82 11.90 -7.01 13.45
C ASN A 82 11.00 -6.04 12.70
N HIS A 83 10.24 -6.55 11.73
CA HIS A 83 9.35 -5.73 10.93
C HIS A 83 8.02 -5.45 11.61
N HIS A 84 7.72 -6.14 12.72
CA HIS A 84 6.50 -5.90 13.46
C HIS A 84 6.66 -4.90 14.60
N MET A 85 7.86 -4.36 14.79
CA MET A 85 8.13 -3.43 15.88
C MET A 85 8.31 -1.99 15.40
N ARG A 86 7.67 -1.61 14.30
CA ARG A 86 7.73 -0.24 13.80
C ARG A 86 6.59 0.62 14.32
N THR A 87 6.06 0.30 15.50
CA THR A 87 4.96 1.08 16.06
C THR A 87 5.45 2.48 16.43
N VAL A 88 4.50 3.41 16.53
CA VAL A 88 4.84 4.80 16.83
C VAL A 88 5.55 4.90 18.17
N THR A 89 5.01 4.21 19.19
CA THR A 89 5.65 4.24 20.49
C THR A 89 7.02 3.58 20.45
N ASN A 90 7.22 2.61 19.56
CA ASN A 90 8.52 1.98 19.45
C ASN A 90 9.58 2.94 18.96
N TYR A 91 9.21 4.00 18.24
CA TYR A 91 10.18 5.03 17.91
C TYR A 91 10.71 5.69 19.18
N PHE A 92 9.82 6.05 20.10
CA PHE A 92 10.24 6.62 21.37
C PHE A 92 11.08 5.62 22.16
N ILE A 93 10.67 4.35 22.15
CA ILE A 93 11.42 3.35 22.90
C ILE A 93 12.84 3.19 22.34
N VAL A 94 12.98 3.15 21.03
CA VAL A 94 14.31 2.96 20.44
C VAL A 94 15.16 4.21 20.65
N ASN A 95 14.55 5.40 20.58
CA ASN A 95 15.31 6.61 20.89
C ASN A 95 15.77 6.60 22.34
N LEU A 96 14.91 6.15 23.25
CA LEU A 96 15.29 6.03 24.65
C LEU A 96 16.45 5.06 24.82
N SER A 97 16.39 3.91 24.13
CA SER A 97 17.47 2.93 24.24
C SER A 97 18.77 3.49 23.66
N LEU A 98 18.68 4.23 22.56
CA LEU A 98 19.86 4.86 21.99
C LEU A 98 20.50 5.82 22.98
N ALA A 99 19.70 6.73 23.52
CA ALA A 99 20.23 7.67 24.52
C ALA A 99 20.77 6.91 25.73
N ASP A 100 20.15 5.79 26.07
CA ASP A 100 20.55 5.03 27.25
C ASP A 100 21.92 4.39 27.04
N VAL A 101 22.14 3.75 25.90
CA VAL A 101 23.44 3.18 25.61
C VAL A 101 24.48 4.29 25.53
N LEU A 102 24.12 5.42 24.91
CA LEU A 102 25.08 6.50 24.76
C LEU A 102 25.50 7.03 26.12
N VAL A 103 24.55 7.23 27.03
CA VAL A 103 24.89 7.74 28.36
C VAL A 103 25.70 6.71 29.14
N THR A 104 25.23 5.45 29.15
CA THR A 104 25.94 4.45 29.95
C THR A 104 27.33 4.16 29.42
N ILE A 105 27.61 4.45 28.15
CA ILE A 105 28.96 4.27 27.64
C ILE A 105 29.80 5.52 27.85
N THR A 106 29.21 6.71 27.77
CA THR A 106 30.01 7.93 27.89
C THR A 106 30.25 8.29 29.36
N CYS A 107 29.18 8.54 30.10
CA CYS A 107 29.32 9.14 31.43
C CYS A 107 29.91 8.15 32.44
N LEU A 108 29.54 6.88 32.35
CA LEU A 108 29.87 5.93 33.41
C LEU A 108 31.37 5.84 33.65
N PRO A 109 32.20 5.50 32.65
CA PRO A 109 33.65 5.47 32.92
C PRO A 109 34.19 6.81 33.39
N ALA A 110 33.69 7.90 32.82
CA ALA A 110 34.20 9.21 33.20
C ALA A 110 33.89 9.53 34.65
N THR A 111 32.64 9.32 35.08
CA THR A 111 32.30 9.57 36.48
C THR A 111 33.08 8.63 37.39
N LEU A 112 33.23 7.37 36.98
CA LEU A 112 33.95 6.42 37.83
C LEU A 112 35.39 6.87 38.05
N VAL A 113 36.09 7.25 36.98
CA VAL A 113 37.48 7.65 37.12
C VAL A 113 37.58 8.97 37.87
N VAL A 114 36.64 9.89 37.64
CA VAL A 114 36.76 11.21 38.26
C VAL A 114 36.36 11.21 39.73
N ASP A 115 35.57 10.24 40.18
CA ASP A 115 35.17 10.20 41.59
C ASP A 115 35.94 9.16 42.40
N ILE A 116 36.54 8.16 41.77
CA ILE A 116 37.33 7.19 42.51
C ILE A 116 38.78 7.63 42.64
N THR A 117 39.35 8.23 41.59
CA THR A 117 40.71 8.73 41.63
C THR A 117 40.80 10.21 41.93
N GLU A 118 39.67 10.93 41.94
CA GLU A 118 39.66 12.36 42.23
C GLU A 118 40.65 13.11 41.34
N THR A 119 40.91 12.58 40.15
CA THR A 119 41.90 13.15 39.26
C THR A 119 41.46 12.95 37.82
N TRP A 120 41.38 14.03 37.06
CA TRP A 120 41.05 13.94 35.64
C TRP A 120 42.13 13.18 34.90
N PHE A 121 41.70 12.34 33.95
CA PHE A 121 42.61 11.45 33.22
C PHE A 121 42.59 11.73 31.71
N PHE A 122 42.14 12.92 31.29
CA PHE A 122 42.04 13.25 29.88
C PHE A 122 42.55 14.66 29.65
N GLY A 123 42.52 15.10 28.39
CA GLY A 123 43.05 16.39 28.01
C GLY A 123 42.04 17.52 28.15
N GLN A 124 42.48 18.72 27.77
CA GLN A 124 41.65 19.90 27.90
C GLN A 124 40.43 19.81 26.98
N SER A 125 40.64 19.50 25.71
CA SER A 125 39.53 19.38 24.78
C SER A 125 38.62 18.22 25.17
N LEU A 126 39.20 17.13 25.67
CA LEU A 126 38.38 15.99 26.09
C LEU A 126 37.46 16.39 27.23
N CYS A 127 37.96 17.15 28.20
CA CYS A 127 37.08 17.62 29.27
C CYS A 127 36.14 18.71 28.80
N LYS A 128 36.47 19.40 27.72
CA LYS A 128 35.55 20.40 27.19
C LYS A 128 34.39 19.76 26.44
N VAL A 129 34.61 18.58 25.87
CA VAL A 129 33.60 17.91 25.04
C VAL A 129 32.80 16.88 25.83
N ILE A 130 33.48 16.02 26.61
CA ILE A 130 32.79 14.88 27.20
C ILE A 130 31.67 15.29 28.13
N PRO A 131 31.80 16.33 28.98
CA PRO A 131 30.67 16.67 29.84
C PRO A 131 29.42 17.07 29.06
N TYR A 132 29.60 17.75 27.93
CA TYR A 132 28.45 18.12 27.11
C TYR A 132 27.72 16.89 26.60
N LEU A 133 28.45 15.92 26.07
CA LEU A 133 27.82 14.67 25.63
C LEU A 133 27.15 13.96 26.81
N GLN A 134 27.85 13.90 27.94
CA GLN A 134 27.29 13.31 29.15
C GLN A 134 25.91 13.88 29.45
N THR A 135 25.87 15.20 29.67
CA THR A 135 24.67 15.84 30.17
C THR A 135 23.58 15.90 29.11
N VAL A 136 23.95 16.08 27.85
CA VAL A 136 22.92 16.07 26.80
C VAL A 136 22.32 14.68 26.67
N SER A 137 23.13 13.64 26.85
CA SER A 137 22.60 12.28 26.81
C SER A 137 21.61 12.06 27.93
N VAL A 138 21.97 12.46 29.16
CA VAL A 138 21.05 12.30 30.27
C VAL A 138 19.78 13.09 30.03
N SER A 139 19.92 14.33 29.55
CA SER A 139 18.76 15.18 29.34
C SER A 139 17.84 14.60 28.27
N VAL A 140 18.40 14.10 27.17
CA VAL A 140 17.55 13.54 26.12
C VAL A 140 16.89 12.26 26.61
N SER A 141 17.59 11.47 27.43
CA SER A 141 16.95 10.30 28.02
C SER A 141 15.73 10.69 28.83
N VAL A 142 15.89 11.65 29.75
CA VAL A 142 14.77 12.04 30.60
C VAL A 142 13.65 12.65 29.77
N LEU A 143 14.01 13.49 28.79
CA LEU A 143 12.98 14.07 27.93
C LEU A 143 12.25 13.02 27.13
N THR A 144 12.94 11.93 26.75
CA THR A 144 12.27 10.85 26.03
C THR A 144 11.32 10.11 26.95
N LEU A 145 11.69 9.93 28.22
CA LEU A 145 10.73 9.37 29.16
C LEU A 145 9.50 10.26 29.29
N SER A 146 9.71 11.58 29.37
CA SER A 146 8.58 12.50 29.46
C SER A 146 7.71 12.44 28.22
N CYS A 147 8.32 12.36 27.04
CA CYS A 147 7.55 12.28 25.80
C CYS A 147 6.80 10.96 25.72
N ILE A 148 7.40 9.87 26.23
CA ILE A 148 6.69 8.60 26.28
C ILE A 148 5.47 8.73 27.17
N ALA A 149 5.61 9.39 28.32
CA ALA A 149 4.47 9.58 29.20
C ALA A 149 3.38 10.39 28.52
N LEU A 150 3.76 11.46 27.81
CA LEU A 150 2.76 12.27 27.12
C LEU A 150 2.08 11.48 26.01
N ASP A 151 2.85 10.69 25.26
CA ASP A 151 2.27 9.86 24.22
C ASP A 151 1.28 8.85 24.79
N ARG A 152 1.63 8.23 25.91
CA ARG A 152 0.71 7.31 26.55
C ARG A 152 -0.55 8.04 27.02
N TRP A 153 -0.39 9.25 27.54
CA TRP A 153 -1.57 10.02 27.94
C TRP A 153 -2.50 10.26 26.76
N TYR A 154 -1.93 10.67 25.62
CA TYR A 154 -2.75 10.86 24.43
C TYR A 154 -3.40 9.56 23.99
N ALA A 155 -2.65 8.46 24.01
CA ALA A 155 -3.16 7.19 23.48
C ALA A 155 -4.17 6.55 24.42
N ILE A 156 -4.24 6.99 25.68
CA ILE A 156 -5.15 6.40 26.66
C ILE A 156 -6.22 7.42 27.08
N CYS A 157 -5.81 8.58 27.57
CA CYS A 157 -6.78 9.54 28.08
C CYS A 157 -7.57 10.19 26.96
N HIS A 158 -6.93 10.43 25.82
CA HIS A 158 -7.55 11.10 24.67
C HIS A 158 -7.34 10.27 23.41
N PRO A 159 -8.03 9.13 23.31
CA PRO A 159 -7.77 8.23 22.17
C PRO A 159 -8.44 8.66 20.88
N LEU A 160 -9.52 9.43 20.94
CA LEU A 160 -10.35 9.68 19.78
C LEU A 160 -9.81 10.79 18.88
N MET A 161 -8.84 11.58 19.34
CA MET A 161 -8.18 12.54 18.47
C MET A 161 -6.93 11.98 17.81
N PHE A 162 -6.52 10.77 18.17
CA PHE A 162 -5.51 10.02 17.42
C PHE A 162 -4.24 10.84 17.22
N LYS A 163 -3.79 11.53 18.27
CA LYS A 163 -2.55 12.31 18.20
C LYS A 163 -1.35 11.45 18.61
N SER A 164 -1.20 10.32 17.91
CA SER A 164 -0.09 9.40 18.14
C SER A 164 0.46 8.92 16.80
N THR A 165 0.62 9.83 15.85
CA THR A 165 1.12 9.49 14.53
C THR A 165 2.65 9.41 14.54
N ALA A 166 3.18 8.57 13.64
CA ALA A 166 4.63 8.42 13.54
C ALA A 166 5.30 9.75 13.21
N LYS A 167 4.63 10.61 12.43
CA LYS A 167 5.17 11.94 12.16
C LYS A 167 5.34 12.71 13.46
N ARG A 168 4.35 12.64 14.36
CA ARG A 168 4.47 13.31 15.64
C ARG A 168 5.61 12.72 16.46
N ALA A 169 5.80 11.41 16.39
CA ALA A 169 6.91 10.79 17.11
C ALA A 169 8.24 11.31 16.62
N ARG A 170 8.42 11.38 15.30
CA ARG A 170 9.66 11.90 14.74
C ARG A 170 9.86 13.36 15.13
N ASN A 171 8.80 14.16 15.06
CA ASN A 171 8.91 15.56 15.44
C ASN A 171 9.30 15.71 16.90
N SER A 172 8.69 14.91 17.78
CA SER A 172 9.03 14.98 19.20
C SER A 172 10.47 14.57 19.43
N ILE A 173 10.93 13.51 18.76
CA ILE A 173 12.32 13.08 18.94
C ILE A 173 13.26 14.20 18.50
N VAL A 174 12.99 14.81 17.35
CA VAL A 174 13.87 15.86 16.85
C VAL A 174 13.88 17.05 17.80
N ILE A 175 12.70 17.47 18.27
CA ILE A 175 12.63 18.65 19.13
C ILE A 175 13.33 18.39 20.45
N ILE A 176 13.13 17.22 21.05
CA ILE A 176 13.82 16.93 22.31
C ILE A 176 15.33 16.89 22.08
N TRP A 177 15.78 16.27 20.99
CA TRP A 177 17.21 16.23 20.72
C TRP A 177 17.78 17.64 20.63
N ILE A 178 17.17 18.50 19.82
CA ILE A 178 17.73 19.83 19.60
C ILE A 178 17.66 20.67 20.87
N VAL A 179 16.55 20.58 21.61
CA VAL A 179 16.42 21.39 22.82
C VAL A 179 17.41 20.93 23.88
N SER A 180 17.63 19.61 23.99
CA SER A 180 18.64 19.12 24.92
C SER A 180 20.02 19.61 24.51
N CYS A 181 20.33 19.57 23.21
CA CYS A 181 21.62 20.07 22.75
C CYS A 181 21.75 21.58 22.93
N ILE A 182 20.64 22.30 23.02
CA ILE A 182 20.65 23.76 23.02
C ILE A 182 20.35 24.33 24.39
N ILE A 183 19.28 23.87 25.03
CA ILE A 183 18.81 24.49 26.26
C ILE A 183 19.88 24.52 27.34
N MET A 184 20.89 23.65 27.23
CA MET A 184 21.95 23.52 28.23
C MET A 184 23.31 23.47 27.56
N ILE A 185 23.48 24.29 26.53
CA ILE A 185 24.74 24.37 25.79
C ILE A 185 25.86 24.96 26.65
N PRO A 186 25.58 25.82 27.64
CA PRO A 186 26.71 26.41 28.39
C PRO A 186 27.64 25.37 29.00
N GLN A 187 27.12 24.22 29.41
CA GLN A 187 27.97 23.20 30.02
C GLN A 187 29.13 22.81 29.12
N ALA A 188 29.05 23.11 27.83
CA ALA A 188 30.15 22.80 26.91
C ALA A 188 31.22 23.87 26.91
N ILE A 189 30.84 25.14 27.01
CA ILE A 189 31.79 26.24 26.90
C ILE A 189 32.33 26.65 28.26
N VAL A 190 31.48 26.62 29.30
CA VAL A 190 31.90 27.08 30.62
C VAL A 190 32.89 26.13 31.28
N MET A 191 33.08 24.94 30.73
CA MET A 191 34.02 23.99 31.33
C MET A 191 35.43 24.58 31.35
N GLU A 192 36.13 24.34 32.46
CA GLU A 192 37.50 24.79 32.65
C GLU A 192 38.34 23.65 33.21
N CYS A 193 39.62 23.67 32.87
CA CYS A 193 40.54 22.60 33.25
C CYS A 193 41.61 23.17 34.17
N SER A 194 41.85 22.48 35.29
CA SER A 194 42.87 22.90 36.25
C SER A 194 44.26 22.80 35.63
N THR A 208 44.04 17.54 40.61
CA THR A 208 43.99 18.04 39.25
C THR A 208 42.77 17.51 38.52
N VAL A 209 41.61 18.13 38.77
CA VAL A 209 40.35 17.75 38.15
C VAL A 209 39.77 18.98 37.47
N CYS A 210 39.34 18.82 36.22
CA CYS A 210 38.72 19.90 35.48
C CYS A 210 37.29 20.11 35.96
N ASP A 211 36.92 21.38 36.18
CA ASP A 211 35.61 21.71 36.72
C ASP A 211 35.04 22.95 36.05
N GLU A 212 33.97 23.50 36.63
CA GLU A 212 33.29 24.66 36.06
C GLU A 212 33.97 25.95 36.51
N ARG A 213 34.00 26.94 35.62
CA ARG A 213 34.55 28.26 35.90
C ARG A 213 33.57 29.30 35.39
N TRP A 214 33.02 30.09 36.31
CA TRP A 214 32.00 31.09 36.00
C TRP A 214 32.52 32.49 36.27
N GLY A 215 32.03 33.44 35.48
CA GLY A 215 32.35 34.85 35.70
C GLY A 215 31.35 35.51 36.63
N GLY A 216 30.91 34.78 37.64
CA GLY A 216 29.94 35.31 38.58
C GLY A 216 29.25 34.18 39.31
N GLU A 217 28.35 34.57 40.21
CA GLU A 217 27.58 33.65 41.02
C GLU A 217 26.11 33.58 40.62
N ILE A 218 25.52 34.70 40.26
CA ILE A 218 24.11 34.70 39.85
C ILE A 218 23.92 33.89 38.58
N TYR A 219 24.82 34.03 37.62
CA TYR A 219 24.69 33.31 36.36
C TYR A 219 24.71 31.80 36.55
N PRO A 220 25.70 31.21 37.23
CA PRO A 220 25.63 29.77 37.51
C PRO A 220 24.41 29.37 38.30
N LYS A 221 23.98 30.20 39.25
CA LYS A 221 22.79 29.89 40.03
C LYS A 221 21.59 29.72 39.11
N MET A 222 21.35 30.71 38.24
CA MET A 222 20.23 30.63 37.31
C MET A 222 20.38 29.44 36.38
N TYR A 223 21.58 29.22 35.86
CA TYR A 223 21.75 28.14 34.89
C TYR A 223 21.45 26.79 35.52
N HIS A 224 21.95 26.54 36.73
CA HIS A 224 21.74 25.24 37.34
C HIS A 224 20.32 25.09 37.87
N ILE A 225 19.66 26.16 38.31
CA ILE A 225 18.26 26.01 38.69
C ILE A 225 17.40 25.70 37.45
N CYS A 226 17.73 26.33 36.31
CA CYS A 226 17.03 25.98 35.08
C CYS A 226 17.32 24.53 34.67
N PHE A 227 18.56 24.09 34.84
CA PHE A 227 18.91 22.71 34.52
C PHE A 227 18.13 21.74 35.40
N PHE A 228 18.00 22.05 36.69
CA PHE A 228 17.21 21.21 37.58
C PHE A 228 15.75 21.20 37.16
N LEU A 229 15.22 22.37 36.76
CA LEU A 229 13.84 22.41 36.31
C LEU A 229 13.62 21.55 35.06
N VAL A 230 14.56 21.59 34.12
CA VAL A 230 14.35 20.91 32.86
C VAL A 230 14.66 19.42 32.97
N THR A 231 15.53 19.02 33.90
CA THR A 231 15.94 17.62 33.95
C THR A 231 15.09 16.80 34.93
N TYR A 232 14.67 17.38 36.05
CA TYR A 232 13.90 16.64 37.04
C TYR A 232 12.50 17.21 37.25
N MET A 233 12.37 18.50 37.58
CA MET A 233 11.07 19.01 37.98
C MET A 233 10.07 18.94 36.84
N ALA A 234 10.41 19.48 35.67
CA ALA A 234 9.46 19.49 34.57
C ALA A 234 9.17 18.08 34.06
N PRO A 235 10.16 17.25 33.73
CA PRO A 235 9.84 15.89 33.30
C PRO A 235 9.09 15.09 34.35
N LEU A 236 9.47 15.22 35.62
CA LEU A 236 8.78 14.45 36.66
C LEU A 236 7.35 14.92 36.82
N CYS A 237 7.11 16.23 36.78
CA CYS A 237 5.75 16.74 36.89
C CYS A 237 4.90 16.28 35.71
N LEU A 238 5.45 16.34 34.50
CA LEU A 238 4.71 15.89 33.32
C LEU A 238 4.38 14.41 33.43
N MET A 239 5.36 13.60 33.82
CA MET A 239 5.12 12.16 33.97
C MET A 239 4.08 11.89 35.03
N VAL A 240 4.16 12.59 36.16
CA VAL A 240 3.21 12.38 37.25
C VAL A 240 1.80 12.71 36.79
N LEU A 241 1.64 13.85 36.13
CA LEU A 241 0.30 14.22 35.64
C LEU A 241 -0.22 13.19 34.66
N ALA A 242 0.61 12.84 33.65
CA ALA A 242 0.16 11.91 32.62
C ALA A 242 -0.26 10.57 33.22
N TYR A 243 0.60 9.99 34.06
CA TYR A 243 0.32 8.67 34.59
C TYR A 243 -0.78 8.70 35.63
N LEU A 244 -0.90 9.80 36.39
CA LEU A 244 -2.02 9.92 37.31
C LEU A 244 -3.34 9.94 36.56
N GLN A 245 -3.42 10.70 35.47
CA GLN A 245 -4.66 10.73 34.71
C GLN A 245 -4.93 9.40 34.02
N ILE A 246 -3.87 8.75 33.52
CA ILE A 246 -4.05 7.43 32.91
C ILE A 246 -4.60 6.44 33.92
N PHE A 247 -4.04 6.44 35.13
CA PHE A 247 -4.53 5.53 36.17
C PHE A 247 -5.96 5.88 36.57
N ARG A 248 -6.29 7.16 36.64
CA ARG A 248 -7.65 7.55 36.95
C ARG A 248 -8.62 7.02 35.90
N LYS A 249 -8.27 7.16 34.63
CA LYS A 249 -9.13 6.65 33.56
C LYS A 249 -9.26 5.14 33.64
N LEU A 250 -8.15 4.44 33.86
CA LEU A 250 -8.20 2.99 33.93
C LEU A 250 -8.91 2.48 35.16
N TRP A 251 -9.04 3.33 36.20
CA TRP A 251 -9.72 2.93 37.43
C TRP A 251 -11.20 3.27 37.41
N CYS A 252 -11.60 4.33 36.71
CA CYS A 252 -13.00 4.77 36.67
C CYS A 252 -13.69 4.47 35.35
N ARG A 253 -13.02 4.66 34.22
CA ARG A 253 -13.64 4.51 32.91
C ARG A 253 -13.60 3.04 32.48
N GLN A 254 -14.56 2.28 33.01
CA GLN A 254 -14.74 0.88 32.62
C GLN A 254 -16.15 0.57 32.16
N ILE A 255 -17.06 1.53 32.22
CA ILE A 255 -18.46 1.31 31.84
C ILE A 255 -18.81 2.16 30.64
N ILE A 293 -13.62 -9.55 36.66
CA ILE A 293 -12.54 -10.19 37.41
C ILE A 293 -11.23 -10.04 36.65
N LYS A 294 -11.17 -10.65 35.47
CA LYS A 294 -9.96 -10.55 34.65
C LYS A 294 -9.66 -9.10 34.30
N GLN A 295 -10.70 -8.32 34.02
CA GLN A 295 -10.49 -6.90 33.72
C GLN A 295 -9.88 -6.18 34.92
N ILE A 296 -10.34 -6.49 36.13
CA ILE A 296 -9.78 -5.86 37.32
C ILE A 296 -8.31 -6.23 37.47
N ARG A 297 -7.98 -7.50 37.26
CA ARG A 297 -6.59 -7.94 37.36
C ARG A 297 -5.72 -7.24 36.34
N ALA A 298 -6.20 -7.12 35.10
CA ALA A 298 -5.42 -6.41 34.08
C ALA A 298 -5.25 -4.94 34.43
N ARG A 299 -6.30 -4.31 34.96
CA ARG A 299 -6.19 -2.91 35.33
C ARG A 299 -5.18 -2.72 36.46
N ARG A 300 -5.18 -3.62 37.44
CA ARG A 300 -4.22 -3.52 38.53
C ARG A 300 -2.80 -3.81 38.05
N LYS A 301 -2.64 -4.73 37.09
CA LYS A 301 -1.32 -4.95 36.50
C LYS A 301 -0.84 -3.69 35.79
N THR A 302 -1.72 -3.02 35.06
CA THR A 302 -1.34 -1.77 34.41
C THR A 302 -0.98 -0.71 35.43
N ALA A 303 -1.73 -0.63 36.53
CA ALA A 303 -1.39 0.31 37.59
C ALA A 303 -0.02 0.00 38.17
N ARG A 304 0.28 -1.28 38.36
CA ARG A 304 1.60 -1.68 38.85
C ARG A 304 2.68 -1.24 37.87
N MET A 305 2.45 -1.44 36.57
CA MET A 305 3.42 -1.04 35.56
C MET A 305 3.67 0.47 35.62
N LEU A 306 2.60 1.26 35.67
CA LEU A 306 2.74 2.70 35.69
C LEU A 306 3.45 3.16 36.96
N MET A 307 3.08 2.60 38.11
CA MET A 307 3.74 2.97 39.35
C MET A 307 5.21 2.61 39.32
N VAL A 308 5.55 1.44 38.79
CA VAL A 308 6.94 1.05 38.69
C VAL A 308 7.71 2.07 37.87
N VAL A 309 7.19 2.40 36.69
CA VAL A 309 7.89 3.36 35.83
C VAL A 309 8.08 4.69 36.56
N LEU A 310 6.98 5.22 37.10
CA LEU A 310 7.01 6.57 37.67
C LEU A 310 7.93 6.63 38.88
N LEU A 311 7.76 5.71 39.82
CA LEU A 311 8.62 5.69 41.00
C LEU A 311 10.07 5.42 40.68
N VAL A 312 10.37 4.50 39.75
CA VAL A 312 11.76 4.27 39.39
C VAL A 312 12.39 5.55 38.86
N PHE A 313 11.73 6.21 37.90
CA PHE A 313 12.33 7.43 37.37
C PHE A 313 12.46 8.50 38.45
N ALA A 314 11.43 8.69 39.26
CA ALA A 314 11.45 9.77 40.25
C ALA A 314 12.54 9.54 41.29
N ILE A 315 12.65 8.31 41.79
CA ILE A 315 13.65 8.03 42.83
C ILE A 315 15.05 8.07 42.26
N CYS A 316 15.25 7.51 41.07
CA CYS A 316 16.61 7.37 40.55
C CYS A 316 17.24 8.73 40.28
N TYR A 317 16.48 9.67 39.72
CA TYR A 317 17.03 10.97 39.35
C TYR A 317 16.89 12.00 40.46
N LEU A 318 16.46 11.60 41.66
CA LEU A 318 16.26 12.54 42.76
C LEU A 318 17.59 12.93 43.40
N PRO A 319 18.42 11.97 43.82
CA PRO A 319 19.64 12.34 44.55
C PRO A 319 20.56 13.26 43.75
N ILE A 320 20.74 12.99 42.45
CA ILE A 320 21.63 13.82 41.64
C ILE A 320 21.03 15.20 41.47
N SER A 321 19.73 15.28 41.22
CA SER A 321 19.08 16.58 41.10
C SER A 321 19.30 17.42 42.35
N ILE A 322 19.04 16.83 43.52
CA ILE A 322 19.17 17.59 44.76
C ILE A 322 20.63 17.96 45.00
N LEU A 323 21.56 17.04 44.71
CA LEU A 323 22.97 17.33 44.93
C LEU A 323 23.44 18.48 44.06
N ASN A 324 23.03 18.50 42.80
CA ASN A 324 23.44 19.60 41.92
C ASN A 324 22.76 20.91 42.31
N VAL A 325 21.48 20.86 42.69
CA VAL A 325 20.78 22.10 43.02
C VAL A 325 21.12 22.61 44.40
N LEU A 326 21.83 21.84 45.23
CA LEU A 326 22.33 22.34 46.50
C LEU A 326 23.81 22.67 46.47
N LYS A 327 24.60 21.98 45.64
CA LYS A 327 26.02 22.26 45.56
C LYS A 327 26.30 23.53 44.77
N ARG A 328 25.59 23.72 43.65
CA ARG A 328 25.86 24.85 42.76
C ARG A 328 24.98 26.05 43.09
N VAL A 329 23.65 25.85 43.10
CA VAL A 329 22.75 26.96 43.37
C VAL A 329 23.01 27.53 44.76
N PHE A 330 23.11 26.66 45.76
CA PHE A 330 23.38 27.10 47.13
C PHE A 330 24.87 27.13 47.47
N GLY A 331 25.73 26.67 46.57
CA GLY A 331 27.15 26.77 46.79
C GLY A 331 27.72 25.79 47.80
N MET A 332 27.02 24.72 48.11
CA MET A 332 27.53 23.75 49.08
C MET A 332 28.72 22.98 48.50
N PHE A 333 29.51 22.41 49.40
CA PHE A 333 30.70 21.66 49.02
C PHE A 333 31.69 22.57 48.29
N ARG A 339 35.04 16.56 52.74
CA ARG A 339 34.30 16.05 51.59
C ARG A 339 34.27 14.52 51.58
N GLU A 340 34.40 13.93 52.77
CA GLU A 340 34.38 12.48 52.86
C GLU A 340 33.05 11.89 52.38
N THR A 341 31.95 12.40 52.92
CA THR A 341 30.63 11.89 52.54
C THR A 341 30.26 12.28 51.12
N VAL A 342 30.83 13.38 50.60
CA VAL A 342 30.46 13.85 49.27
C VAL A 342 30.82 12.81 48.22
N TYR A 343 32.02 12.23 48.33
CA TYR A 343 32.45 11.23 47.36
C TYR A 343 31.52 10.03 47.36
N ALA A 344 31.18 9.53 48.55
CA ALA A 344 30.29 8.38 48.65
C ALA A 344 28.92 8.70 48.08
N TRP A 345 28.37 9.87 48.41
CA TRP A 345 27.04 10.22 47.92
C TRP A 345 27.03 10.35 46.40
N PHE A 346 28.05 10.99 45.82
CA PHE A 346 28.10 11.10 44.37
C PHE A 346 28.26 9.73 43.72
N THR A 347 29.11 8.86 44.27
CA THR A 347 29.27 7.54 43.69
C THR A 347 27.96 6.78 43.71
N PHE A 348 27.27 6.80 44.85
CA PHE A 348 26.01 6.07 44.97
C PHE A 348 24.96 6.65 44.02
N SER A 349 24.91 7.98 43.91
CA SER A 349 23.94 8.61 43.03
C SER A 349 24.19 8.26 41.58
N HIS A 350 25.44 8.32 41.14
CA HIS A 350 25.76 7.95 39.77
C HIS A 350 25.44 6.48 39.52
N TRP A 351 25.73 5.62 40.50
CA TRP A 351 25.42 4.21 40.35
C TRP A 351 23.93 4.00 40.14
N LEU A 352 23.10 4.69 40.92
CA LEU A 352 21.66 4.49 40.80
C LEU A 352 21.11 5.14 39.52
N VAL A 353 21.73 6.21 39.04
CA VAL A 353 21.36 6.74 37.73
C VAL A 353 21.62 5.68 36.65
N TYR A 354 22.78 5.04 36.73
CA TYR A 354 23.09 4.01 35.73
C TYR A 354 22.24 2.77 35.92
N ALA A 355 21.80 2.51 37.16
CA ALA A 355 20.83 1.45 37.39
C ALA A 355 19.51 1.78 36.69
N ASN A 356 19.07 3.04 36.77
CA ASN A 356 17.89 3.46 36.02
C ASN A 356 18.11 3.28 34.53
N SER A 357 19.30 3.64 34.05
CA SER A 357 19.59 3.48 32.63
C SER A 357 19.49 2.03 32.21
N ALA A 358 20.04 1.12 33.02
CA ALA A 358 19.96 -0.30 32.70
C ALA A 358 18.53 -0.80 32.79
N ALA A 359 17.75 -0.29 33.75
CA ALA A 359 16.40 -0.79 33.96
C ALA A 359 15.44 -0.32 32.89
N ASN A 360 15.70 0.85 32.30
CA ASN A 360 14.77 1.39 31.30
C ASN A 360 14.43 0.38 30.22
N PRO A 361 15.39 -0.28 29.57
CA PRO A 361 15.00 -1.35 28.62
C PRO A 361 14.10 -2.40 29.23
N ILE A 362 14.45 -2.90 30.41
CA ILE A 362 13.63 -3.94 31.04
C ILE A 362 12.31 -3.36 31.53
N ILE A 363 12.35 -2.14 32.07
CA ILE A 363 11.15 -1.57 32.67
C ILE A 363 10.10 -1.28 31.61
N TYR A 364 10.52 -0.86 30.41
CA TYR A 364 9.58 -0.44 29.38
C TYR A 364 9.25 -1.53 28.37
N ASN A 365 10.16 -2.48 28.13
CA ASN A 365 9.98 -3.46 27.06
C ASN A 365 9.82 -4.88 27.59
N PHE A 366 10.78 -5.37 28.38
CA PHE A 366 10.71 -6.77 28.82
C PHE A 366 9.63 -7.01 29.87
N LEU A 367 9.05 -5.97 30.44
CA LEU A 367 7.95 -6.14 31.38
C LEU A 367 6.59 -6.08 30.71
N SER A 368 6.53 -5.88 29.39
CA SER A 368 5.28 -5.84 28.65
C SER A 368 5.10 -7.15 27.90
N GLY A 369 3.91 -7.73 28.01
CA GLY A 369 3.66 -9.02 27.38
C GLY A 369 3.85 -8.98 25.87
N LYS A 370 3.38 -7.92 25.22
CA LYS A 370 3.48 -7.83 23.77
C LYS A 370 4.94 -7.85 23.33
N PHE A 371 5.76 -6.96 23.91
CA PHE A 371 7.15 -6.91 23.52
C PHE A 371 7.88 -8.19 23.90
N ARG A 372 7.56 -8.76 25.06
CA ARG A 372 8.21 -10.00 25.46
C ARG A 372 7.92 -11.11 24.45
N GLU A 373 6.67 -11.25 24.04
CA GLU A 373 6.32 -12.27 23.06
C GLU A 373 6.99 -11.99 21.72
N GLU A 374 7.01 -10.73 21.29
CA GLU A 374 7.65 -10.40 20.02
C GLU A 374 9.14 -10.73 20.05
N PHE A 375 9.82 -10.39 21.14
CA PHE A 375 11.24 -10.68 21.26
C PHE A 375 11.49 -12.19 21.30
N LYS A 376 10.66 -12.93 22.04
CA LYS A 376 10.81 -14.37 22.10
C LYS A 376 10.63 -14.99 20.72
N ALA A 377 9.65 -14.53 19.96
CA ALA A 377 9.42 -15.03 18.61
C ALA A 377 10.34 -14.39 17.59
N ALA A 378 11.07 -13.35 17.96
CA ALA A 378 12.02 -12.70 17.05
C ALA A 378 13.43 -13.24 17.17
N PHE A 379 13.64 -14.26 18.01
CA PHE A 379 14.97 -14.84 18.20
C PHE A 379 14.87 -16.33 18.44
N LEU B 5 21.03 12.86 -17.18
CA LEU B 5 20.46 12.19 -16.03
C LEU B 5 19.09 12.78 -15.69
N SER B 6 18.03 12.00 -15.92
CA SER B 6 16.67 12.40 -15.60
C SER B 6 16.29 13.69 -16.35
N ALA B 7 16.28 13.57 -17.68
CA ALA B 7 15.97 14.73 -18.51
C ALA B 7 14.59 15.29 -18.19
N GLU B 8 13.54 14.49 -18.43
CA GLU B 8 12.20 14.82 -17.96
C GLU B 8 11.70 13.80 -16.96
N ASP B 9 12.47 12.75 -16.65
CA ASP B 9 12.12 11.86 -15.58
C ASP B 9 12.06 12.58 -14.24
N LYS B 10 12.67 13.76 -14.14
CA LYS B 10 12.50 14.57 -12.94
C LYS B 10 11.04 14.95 -12.75
N ALA B 11 10.36 15.32 -13.84
CA ALA B 11 8.94 15.64 -13.74
C ALA B 11 8.13 14.41 -13.38
N ALA B 12 8.49 13.25 -13.92
CA ALA B 12 7.79 12.02 -13.56
C ALA B 12 7.96 11.70 -12.08
N VAL B 13 9.18 11.89 -11.56
CA VAL B 13 9.42 11.66 -10.14
C VAL B 13 8.65 12.68 -9.30
N GLU B 14 8.55 13.91 -9.79
CA GLU B 14 7.76 14.91 -9.08
C GLU B 14 6.29 14.50 -9.01
N ARG B 15 5.74 14.00 -10.13
CA ARG B 15 4.37 13.51 -10.11
C ARG B 15 4.22 12.34 -9.14
N SER B 16 5.19 11.43 -9.14
CA SER B 16 5.16 10.29 -8.22
C SER B 16 5.15 10.77 -6.78
N LYS B 17 5.98 11.76 -6.46
CA LYS B 17 6.01 12.28 -5.09
C LYS B 17 4.71 12.99 -4.75
N MET B 18 4.11 13.70 -5.71
CA MET B 18 2.85 14.38 -5.45
C MET B 18 1.76 13.36 -5.10
N ILE B 19 1.62 12.31 -5.91
CA ILE B 19 0.59 11.33 -5.63
C ILE B 19 0.96 10.48 -4.42
N ASP B 20 2.25 10.37 -4.08
CA ASP B 20 2.62 9.70 -2.84
C ASP B 20 2.20 10.53 -1.63
N ARG B 21 2.35 11.85 -1.71
CA ARG B 21 1.84 12.72 -0.65
C ARG B 21 0.33 12.59 -0.54
N ASN B 22 -0.36 12.54 -1.68
CA ASN B 22 -1.80 12.34 -1.65
C ASN B 22 -2.17 11.02 -0.99
N LEU B 23 -1.45 9.95 -1.32
CA LEU B 23 -1.71 8.64 -0.71
C LEU B 23 -1.47 8.69 0.79
N ARG B 24 -0.38 9.34 1.22
CA ARG B 24 -0.10 9.41 2.65
C ARG B 24 -1.16 10.20 3.39
N GLU B 25 -1.62 11.31 2.80
CA GLU B 25 -2.69 12.08 3.44
C GLU B 25 -3.98 11.27 3.52
N ASP B 26 -4.32 10.55 2.45
CA ASP B 26 -5.50 9.70 2.47
C ASP B 26 -5.39 8.63 3.54
N GLY B 27 -4.21 8.01 3.66
CA GLY B 27 -4.02 7.01 4.69
C GLY B 27 -4.13 7.59 6.09
N GLU B 28 -3.57 8.78 6.30
CA GLU B 28 -3.65 9.40 7.62
C GLU B 28 -5.10 9.72 7.98
N LYS B 29 -5.87 10.26 7.04
CA LYS B 29 -7.26 10.57 7.34
C LYS B 29 -8.16 9.34 7.33
N ALA B 30 -7.69 8.22 6.81
CA ALA B 30 -8.44 6.97 6.91
C ALA B 30 -8.10 6.17 8.16
N ALA B 31 -6.94 6.40 8.76
CA ALA B 31 -6.62 5.77 10.03
C ALA B 31 -7.40 6.36 11.18
N ARG B 32 -7.89 7.59 11.04
CA ARG B 32 -8.70 8.24 12.05
C ARG B 32 -10.19 7.92 11.91
N GLU B 33 -10.53 6.90 11.13
CA GLU B 33 -11.91 6.48 10.95
C GLU B 33 -12.03 5.04 11.43
N VAL B 34 -12.99 4.80 12.32
CA VAL B 34 -13.17 3.47 12.88
C VAL B 34 -14.02 2.64 11.92
N LYS B 35 -13.51 1.47 11.55
CA LYS B 35 -14.17 0.58 10.61
C LYS B 35 -14.87 -0.53 11.38
N LEU B 36 -16.19 -0.61 11.23
CA LEU B 36 -17.00 -1.63 11.87
C LEU B 36 -17.56 -2.57 10.82
N LEU B 37 -17.63 -3.85 11.15
CA LEU B 37 -18.18 -4.87 10.26
C LEU B 37 -19.50 -5.35 10.85
N LEU B 38 -20.59 -5.21 10.11
CA LEU B 38 -21.92 -5.56 10.57
C LEU B 38 -22.32 -6.88 9.93
N LEU B 39 -22.37 -7.94 10.75
CA LEU B 39 -22.69 -9.27 10.23
C LEU B 39 -24.19 -9.55 10.28
N GLY B 40 -24.78 -9.52 11.47
CA GLY B 40 -26.17 -9.88 11.59
C GLY B 40 -26.36 -11.36 11.32
N ALA B 41 -27.65 -11.73 11.15
CA ALA B 41 -28.01 -13.12 10.92
C ALA B 41 -29.06 -13.29 9.83
N GLY B 42 -29.48 -12.23 9.15
CA GLY B 42 -30.50 -12.35 8.13
C GLY B 42 -31.89 -12.17 8.69
N GLU B 43 -32.60 -11.14 8.22
CA GLU B 43 -33.92 -10.81 8.76
C GLU B 43 -33.85 -10.59 10.26
N SER B 44 -32.77 -9.96 10.71
CA SER B 44 -32.53 -9.69 12.13
C SER B 44 -32.59 -8.19 12.44
N GLY B 45 -33.38 -7.45 11.67
CA GLY B 45 -33.50 -6.02 11.88
C GLY B 45 -32.23 -5.26 11.63
N LYS B 46 -31.38 -5.74 10.72
CA LYS B 46 -30.15 -5.00 10.39
C LYS B 46 -30.49 -3.64 9.82
N SER B 47 -31.49 -3.57 8.96
CA SER B 47 -31.87 -2.29 8.36
C SER B 47 -32.35 -1.31 9.42
N THR B 48 -33.09 -1.79 10.41
CA THR B 48 -33.61 -0.91 11.45
C THR B 48 -32.46 -0.25 12.23
N ILE B 49 -31.51 -1.06 12.70
CA ILE B 49 -30.40 -0.49 13.44
C ILE B 49 -29.52 0.36 12.54
N VAL B 50 -29.40 0.00 11.27
CA VAL B 50 -28.62 0.82 10.33
C VAL B 50 -29.24 2.20 10.22
N LYS B 51 -30.56 2.26 10.05
CA LYS B 51 -31.25 3.54 9.96
C LYS B 51 -31.11 4.33 11.26
N GLN B 52 -31.25 3.65 12.40
CA GLN B 52 -31.15 4.35 13.68
C GLN B 52 -29.75 4.92 13.89
N MET B 53 -28.72 4.14 13.56
CA MET B 53 -27.35 4.61 13.72
C MET B 53 -27.02 5.72 12.73
N LYS B 54 -27.56 5.66 11.52
CA LYS B 54 -27.35 6.75 10.58
C LYS B 54 -27.90 8.07 11.11
N ILE B 55 -28.81 8.03 12.06
CA ILE B 55 -29.37 9.24 12.67
C ILE B 55 -30.20 10.00 11.65
N THR B 182 -26.91 -5.42 -3.70
CA THR B 182 -25.95 -5.91 -4.68
C THR B 182 -24.85 -6.72 -3.99
N GLY B 183 -23.82 -6.02 -3.52
CA GLY B 183 -22.74 -6.65 -2.80
C GLY B 183 -22.73 -6.28 -1.34
N ILE B 184 -21.85 -5.36 -0.96
CA ILE B 184 -21.79 -4.85 0.41
C ILE B 184 -22.02 -3.35 0.35
N VAL B 185 -22.78 -2.83 1.31
CA VAL B 185 -23.11 -1.41 1.38
C VAL B 185 -22.36 -0.80 2.55
N GLU B 186 -21.57 0.24 2.26
CA GLU B 186 -20.80 0.93 3.30
C GLU B 186 -21.63 2.11 3.80
N THR B 187 -22.02 2.05 5.07
CA THR B 187 -22.84 3.10 5.67
C THR B 187 -21.97 4.09 6.44
N HIS B 188 -21.11 4.78 5.69
CA HIS B 188 -20.25 5.80 6.30
C HIS B 188 -21.11 6.84 7.00
N PHE B 189 -20.75 7.16 8.24
CA PHE B 189 -21.45 8.18 9.01
C PHE B 189 -20.50 8.75 10.06
N THR B 190 -20.98 9.75 10.79
CA THR B 190 -20.17 10.45 11.77
C THR B 190 -20.95 10.60 13.07
N PHE B 191 -20.22 10.61 14.18
CA PHE B 191 -20.83 10.77 15.50
C PHE B 191 -19.79 11.35 16.44
N LYS B 192 -20.07 12.53 17.00
CA LYS B 192 -19.16 13.19 17.94
C LYS B 192 -17.76 13.29 17.37
N ASP B 193 -17.67 13.72 16.12
CA ASP B 193 -16.40 13.94 15.44
C ASP B 193 -15.61 12.66 15.30
N LEU B 194 -16.29 11.51 15.29
CA LEU B 194 -15.68 10.22 15.02
C LEU B 194 -16.33 9.65 13.77
N HIS B 195 -15.51 9.24 12.81
CA HIS B 195 -15.98 8.81 11.50
C HIS B 195 -16.09 7.29 11.49
N PHE B 196 -17.33 6.80 11.60
CA PHE B 196 -17.60 5.37 11.53
C PHE B 196 -17.82 4.96 10.08
N LYS B 197 -17.23 3.84 9.70
CA LYS B 197 -17.46 3.23 8.38
C LYS B 197 -18.00 1.83 8.63
N MET B 198 -19.31 1.65 8.40
CA MET B 198 -19.99 0.40 8.72
C MET B 198 -20.14 -0.42 7.45
N PHE B 199 -19.68 -1.65 7.49
CA PHE B 199 -19.58 -2.53 6.32
C PHE B 199 -20.58 -3.66 6.49
N ASP B 200 -21.67 -3.60 5.74
CA ASP B 200 -22.75 -4.59 5.85
C ASP B 200 -22.58 -5.61 4.72
N VAL B 201 -22.14 -6.81 5.08
CA VAL B 201 -21.90 -7.86 4.11
C VAL B 201 -23.01 -8.92 4.14
N GLY B 202 -24.15 -8.61 4.74
CA GLY B 202 -25.21 -9.59 4.81
C GLY B 202 -25.70 -10.04 3.45
N GLY B 203 -25.78 -9.11 2.50
CA GLY B 203 -26.28 -9.42 1.18
C GLY B 203 -25.24 -10.07 0.28
N GLN B 204 -24.66 -11.18 0.74
CA GLN B 204 -23.65 -11.88 -0.04
C GLN B 204 -23.67 -13.35 0.37
N ARG B 205 -24.14 -14.20 -0.53
CA ARG B 205 -24.25 -15.64 -0.29
C ARG B 205 -23.13 -16.35 -1.06
N ASP B 206 -22.10 -16.76 -0.34
CA ASP B 206 -20.97 -17.50 -0.92
C ASP B 206 -20.11 -17.99 0.24
N GLU B 207 -18.97 -18.59 -0.10
CA GLU B 207 -18.07 -19.09 0.92
C GLU B 207 -17.52 -17.95 1.75
N ARG B 208 -17.97 -17.83 3.00
CA ARG B 208 -17.59 -16.69 3.82
C ARG B 208 -16.08 -16.67 4.05
N LYS B 209 -15.48 -17.83 4.28
CA LYS B 209 -14.06 -17.87 4.63
C LYS B 209 -13.16 -17.29 3.54
N LYS B 210 -13.65 -17.20 2.30
CA LYS B 210 -12.80 -16.74 1.21
C LYS B 210 -12.60 -15.23 1.21
N TRP B 211 -13.60 -14.46 1.63
CA TRP B 211 -13.49 -13.01 1.66
C TRP B 211 -13.48 -12.44 3.07
N ILE B 212 -13.69 -13.27 4.10
CA ILE B 212 -13.73 -12.75 5.46
C ILE B 212 -12.37 -12.19 5.87
N HIS B 213 -11.29 -12.79 5.37
CA HIS B 213 -9.96 -12.30 5.73
C HIS B 213 -9.71 -10.89 5.24
N CYS B 214 -10.54 -10.37 4.33
CA CYS B 214 -10.45 -8.98 3.94
C CYS B 214 -10.74 -8.03 5.10
N PHE B 215 -11.33 -8.51 6.19
CA PHE B 215 -11.79 -7.66 7.27
C PHE B 215 -10.93 -7.78 8.52
N GLU B 216 -9.64 -8.06 8.36
CA GLU B 216 -8.72 -7.89 9.47
C GLU B 216 -8.58 -6.41 9.79
N GLY B 217 -8.45 -6.10 11.08
CA GLY B 217 -8.25 -4.74 11.51
C GLY B 217 -9.51 -3.93 11.68
N VAL B 218 -10.68 -4.48 11.34
CA VAL B 218 -11.92 -3.77 11.61
C VAL B 218 -12.01 -3.53 13.11
N THR B 219 -12.21 -2.27 13.49
CA THR B 219 -12.15 -1.92 14.91
C THR B 219 -13.15 -2.72 15.72
N ALA B 220 -14.30 -3.07 15.14
CA ALA B 220 -15.30 -3.84 15.86
C ALA B 220 -16.13 -4.63 14.87
N ILE B 221 -16.75 -5.68 15.38
CA ILE B 221 -17.63 -6.53 14.59
C ILE B 221 -19.01 -6.47 15.25
N ILE B 222 -19.85 -5.56 14.76
CA ILE B 222 -21.21 -5.52 15.25
C ILE B 222 -21.88 -6.85 14.92
N PHE B 223 -22.89 -7.21 15.71
CA PHE B 223 -23.66 -8.41 15.47
C PHE B 223 -25.13 -8.09 15.75
N CYS B 224 -26.01 -8.88 15.15
CA CYS B 224 -27.43 -8.71 15.36
C CYS B 224 -28.06 -10.09 15.56
N VAL B 225 -28.99 -10.16 16.51
CA VAL B 225 -29.68 -11.41 16.83
C VAL B 225 -31.16 -11.10 16.89
N ALA B 226 -31.96 -11.81 16.10
CA ALA B 226 -33.41 -11.64 16.12
C ALA B 226 -33.92 -12.30 17.40
N LEU B 227 -33.77 -11.58 18.50
CA LEU B 227 -34.13 -12.14 19.80
C LEU B 227 -35.57 -12.62 19.81
N SER B 228 -36.45 -11.95 19.05
CA SER B 228 -37.82 -12.44 18.91
C SER B 228 -37.89 -13.72 18.10
N ASP B 229 -36.83 -14.05 17.36
CA ASP B 229 -36.81 -15.24 16.52
C ASP B 229 -36.19 -16.42 17.26
N TYR B 230 -36.80 -16.74 18.39
CA TYR B 230 -36.43 -17.94 19.14
C TYR B 230 -37.30 -19.13 18.75
N ASP B 231 -38.56 -18.88 18.41
CA ASP B 231 -39.45 -19.92 17.93
C ASP B 231 -39.51 -20.01 16.42
N LEU B 232 -38.97 -19.03 15.71
CA LEU B 232 -39.00 -19.05 14.26
C LEU B 232 -38.19 -20.21 13.71
N VAL B 233 -38.65 -20.77 12.59
CA VAL B 233 -37.98 -21.90 11.97
C VAL B 233 -38.51 -22.09 10.56
N ASN B 241 -35.34 -22.31 16.26
CA ASN B 241 -34.32 -22.88 15.39
C ASN B 241 -33.49 -21.78 14.73
N ARG B 242 -34.14 -20.70 14.33
CA ARG B 242 -33.43 -19.60 13.69
C ARG B 242 -32.32 -19.07 14.58
N MET B 243 -32.60 -18.90 15.87
CA MET B 243 -31.56 -18.44 16.77
C MET B 243 -30.44 -19.46 16.90
N HIS B 244 -30.74 -20.75 16.69
CA HIS B 244 -29.66 -21.74 16.70
C HIS B 244 -28.72 -21.53 15.52
N GLU B 245 -29.27 -21.25 14.33
CA GLU B 245 -28.42 -20.90 13.21
C GLU B 245 -27.65 -19.62 13.48
N SER B 246 -28.29 -18.66 14.14
CA SER B 246 -27.58 -17.43 14.51
C SER B 246 -26.43 -17.72 15.45
N MET B 247 -26.64 -18.62 16.42
CA MET B 247 -25.56 -19.02 17.32
C MET B 247 -24.43 -19.69 16.56
N LYS B 248 -24.77 -20.56 15.61
CA LYS B 248 -23.72 -21.20 14.81
C LYS B 248 -22.92 -20.15 14.05
N LEU B 249 -23.60 -19.17 13.46
CA LEU B 249 -22.91 -18.11 12.73
C LEU B 249 -22.02 -17.30 13.67
N PHE B 250 -22.52 -16.98 14.86
CA PHE B 250 -21.74 -16.22 15.82
C PHE B 250 -20.51 -17.00 16.26
N ASP B 251 -20.65 -18.30 16.50
CA ASP B 251 -19.50 -19.11 16.88
C ASP B 251 -18.49 -19.15 15.75
N SER B 252 -18.96 -19.30 14.51
CA SER B 252 -18.05 -19.36 13.38
C SER B 252 -17.27 -18.07 13.22
N ILE B 253 -17.95 -16.92 13.37
CA ILE B 253 -17.29 -15.64 13.10
C ILE B 253 -16.55 -15.08 14.30
N CYS B 254 -16.84 -15.55 15.51
CA CYS B 254 -16.14 -15.10 16.71
C CYS B 254 -14.91 -15.93 17.02
N ASN B 255 -14.68 -17.02 16.28
CA ASN B 255 -13.53 -17.89 16.49
C ASN B 255 -12.67 -18.03 15.24
N ASN B 256 -12.96 -17.26 14.19
CA ASN B 256 -12.11 -17.28 13.00
C ASN B 256 -10.71 -16.83 13.37
N LYS B 257 -9.71 -17.46 12.74
CA LYS B 257 -8.33 -17.07 13.00
C LYS B 257 -8.09 -15.60 12.65
N TRP B 258 -8.91 -15.02 11.78
CA TRP B 258 -8.73 -13.63 11.40
C TRP B 258 -9.21 -12.67 12.48
N PHE B 259 -10.28 -13.03 13.18
CA PHE B 259 -10.92 -12.17 14.18
C PHE B 259 -10.56 -12.58 15.60
N THR B 260 -9.32 -13.02 15.83
CA THR B 260 -8.91 -13.46 17.16
C THR B 260 -8.74 -12.30 18.13
N ASP B 261 -8.80 -11.05 17.65
CA ASP B 261 -8.63 -9.88 18.51
C ASP B 261 -9.72 -8.84 18.39
N THR B 262 -10.48 -8.82 17.30
CA THR B 262 -11.51 -7.80 17.10
C THR B 262 -12.70 -8.11 17.99
N SER B 263 -13.07 -7.15 18.84
CA SER B 263 -14.20 -7.34 19.74
C SER B 263 -15.52 -7.33 18.96
N ILE B 264 -16.53 -7.95 19.55
CA ILE B 264 -17.85 -8.09 18.94
C ILE B 264 -18.85 -7.28 19.75
N ILE B 265 -19.63 -6.45 19.07
CA ILE B 265 -20.65 -5.62 19.70
C ILE B 265 -22.00 -6.11 19.24
N LEU B 266 -22.63 -7.01 20.01
CA LEU B 266 -23.83 -7.69 19.56
C LEU B 266 -25.07 -7.03 20.14
N PHE B 267 -26.05 -6.79 19.27
CA PHE B 267 -27.35 -6.25 19.65
C PHE B 267 -28.40 -7.34 19.56
N LEU B 268 -29.20 -7.47 20.61
CA LEU B 268 -30.28 -8.45 20.63
C LEU B 268 -31.57 -7.70 20.30
N ASN B 269 -31.79 -7.51 19.00
CA ASN B 269 -32.89 -6.68 18.52
C ASN B 269 -34.24 -7.25 18.95
N LYS B 270 -35.28 -6.45 18.71
CA LYS B 270 -36.66 -6.86 18.94
C LYS B 270 -36.88 -7.30 20.39
N LYS B 271 -36.40 -6.46 21.33
CA LYS B 271 -36.59 -6.77 22.74
C LYS B 271 -38.06 -6.79 23.12
N ASP B 272 -38.83 -5.81 22.65
CA ASP B 272 -40.25 -5.76 22.98
C ASP B 272 -41.01 -6.94 22.37
N LEU B 273 -40.76 -7.20 21.08
CA LEU B 273 -41.39 -8.34 20.43
C LEU B 273 -40.97 -9.63 21.10
N PHE B 274 -39.71 -9.73 21.53
CA PHE B 274 -39.26 -10.90 22.25
C PHE B 274 -40.02 -11.06 23.56
N GLU B 275 -40.24 -9.95 24.27
CA GLU B 275 -41.00 -10.01 25.52
C GLU B 275 -42.41 -10.52 25.26
N GLU B 276 -43.07 -9.99 24.22
CA GLU B 276 -44.41 -10.46 23.92
C GLU B 276 -44.42 -11.93 23.54
N LYS B 277 -43.46 -12.35 22.72
CA LYS B 277 -43.42 -13.75 22.30
C LYS B 277 -43.20 -14.68 23.48
N ILE B 278 -42.27 -14.34 24.38
CA ILE B 278 -42.01 -15.19 25.52
C ILE B 278 -43.20 -15.20 26.45
N LYS B 279 -43.92 -14.07 26.57
CA LYS B 279 -45.16 -14.07 27.33
C LYS B 279 -46.15 -15.05 26.72
N LYS B 280 -46.22 -15.09 25.38
CA LYS B 280 -47.12 -16.02 24.71
C LYS B 280 -46.71 -17.46 24.98
N SER B 281 -45.43 -17.79 24.80
CA SER B 281 -44.94 -19.14 24.99
C SER B 281 -43.61 -19.11 25.73
N PRO B 282 -43.30 -20.14 26.54
CA PRO B 282 -42.01 -20.16 27.26
C PRO B 282 -40.81 -20.16 26.32
N LEU B 283 -39.62 -20.02 26.89
CA LEU B 283 -38.38 -20.08 26.11
C LEU B 283 -37.85 -21.51 25.98
N THR B 284 -38.45 -22.47 26.69
CA THR B 284 -37.95 -23.84 26.63
C THR B 284 -38.01 -24.41 25.21
N ILE B 285 -38.87 -23.86 24.34
CA ILE B 285 -38.97 -24.37 22.99
C ILE B 285 -37.65 -24.22 22.25
N CYS B 286 -37.02 -23.05 22.37
CA CYS B 286 -35.73 -22.82 21.74
C CYS B 286 -34.56 -23.38 22.52
N TYR B 287 -34.75 -23.73 23.79
CA TYR B 287 -33.67 -24.23 24.64
C TYR B 287 -34.26 -25.18 25.66
N PRO B 288 -34.25 -26.49 25.38
CA PRO B 288 -34.75 -27.45 26.37
C PRO B 288 -34.02 -27.39 27.70
N GLU B 289 -32.75 -26.98 27.68
CA GLU B 289 -31.94 -26.94 28.90
C GLU B 289 -32.29 -25.76 29.81
N TYR B 290 -33.11 -24.82 29.34
CA TYR B 290 -33.43 -23.66 30.15
C TYR B 290 -34.19 -24.08 31.41
N ALA B 291 -33.81 -23.51 32.54
CA ALA B 291 -34.46 -23.75 33.83
C ALA B 291 -34.50 -22.42 34.58
N GLY B 292 -35.60 -21.70 34.42
CA GLY B 292 -35.74 -20.41 35.08
C GLY B 292 -37.07 -19.78 34.73
N SER B 293 -37.32 -18.64 35.35
CA SER B 293 -38.57 -17.92 35.13
C SER B 293 -38.73 -17.55 33.67
N ASN B 294 -39.93 -17.73 33.13
CA ASN B 294 -40.22 -17.38 31.75
C ASN B 294 -40.58 -15.91 31.64
N THR B 295 -39.73 -15.03 32.16
CA THR B 295 -39.94 -13.60 32.12
C THR B 295 -38.87 -12.93 31.25
N TYR B 296 -39.07 -11.64 30.99
CA TYR B 296 -38.15 -10.92 30.13
C TYR B 296 -36.74 -10.90 30.72
N GLU B 297 -36.62 -10.58 32.00
CA GLU B 297 -35.30 -10.41 32.60
C GLU B 297 -34.51 -11.72 32.55
N GLU B 298 -35.09 -12.81 33.05
CA GLU B 298 -34.37 -14.07 33.12
C GLU B 298 -34.03 -14.59 31.73
N ALA B 299 -34.98 -14.53 30.81
CA ALA B 299 -34.74 -15.03 29.46
C ALA B 299 -33.67 -14.22 28.75
N ALA B 300 -33.75 -12.89 28.86
CA ALA B 300 -32.74 -12.04 28.25
C ALA B 300 -31.37 -12.33 28.83
N ALA B 301 -31.29 -12.49 30.15
CA ALA B 301 -30.02 -12.82 30.77
C ALA B 301 -29.49 -14.15 30.27
N TYR B 302 -30.37 -15.14 30.12
CA TYR B 302 -29.93 -16.44 29.64
C TYR B 302 -29.38 -16.34 28.22
N ILE B 303 -30.09 -15.63 27.34
CA ILE B 303 -29.64 -15.50 25.96
C ILE B 303 -28.31 -14.76 25.92
N GLN B 304 -28.18 -13.69 26.70
CA GLN B 304 -26.96 -12.92 26.74
C GLN B 304 -25.79 -13.78 27.23
N CYS B 305 -26.02 -14.58 28.27
CA CYS B 305 -24.97 -15.45 28.79
C CYS B 305 -24.57 -16.50 27.76
N GLN B 306 -25.54 -17.10 27.08
CA GLN B 306 -25.22 -18.12 26.08
C GLN B 306 -24.46 -17.53 24.91
N PHE B 307 -24.80 -16.30 24.49
CA PHE B 307 -24.08 -15.67 23.40
C PHE B 307 -22.71 -15.17 23.80
N GLU B 308 -22.49 -14.85 25.08
CA GLU B 308 -21.14 -14.57 25.55
C GLU B 308 -20.35 -15.82 25.88
N ASP B 309 -21.00 -16.98 25.94
CA ASP B 309 -20.34 -18.24 26.20
C ASP B 309 -19.73 -18.85 24.95
N LEU B 310 -20.11 -18.39 23.76
CA LEU B 310 -19.65 -19.00 22.53
C LEU B 310 -18.24 -18.59 22.13
N ASN B 311 -17.77 -17.42 22.60
CA ASN B 311 -16.45 -16.96 22.20
C ASN B 311 -15.38 -17.76 22.94
N LYS B 312 -14.87 -18.81 22.30
CA LYS B 312 -13.85 -19.64 22.93
C LYS B 312 -12.60 -18.83 23.24
N ARG B 313 -12.19 -17.96 22.30
CA ARG B 313 -10.98 -17.16 22.48
C ARG B 313 -11.27 -16.01 23.45
N LYS B 314 -11.48 -16.40 24.71
CA LYS B 314 -11.71 -15.42 25.76
C LYS B 314 -10.41 -14.70 26.10
N ASP B 315 -10.49 -13.77 27.05
CA ASP B 315 -9.37 -13.02 27.61
C ASP B 315 -8.60 -12.24 26.54
N THR B 316 -9.11 -12.16 25.32
CA THR B 316 -8.49 -11.36 24.27
C THR B 316 -9.48 -10.52 23.48
N LYS B 317 -10.79 -10.81 23.58
CA LYS B 317 -11.80 -10.04 22.85
C LYS B 317 -13.06 -10.01 23.71
N GLU B 318 -13.20 -8.97 24.52
CA GLU B 318 -14.43 -8.76 25.26
C GLU B 318 -15.52 -8.31 24.30
N ILE B 319 -16.70 -8.91 24.41
CA ILE B 319 -17.83 -8.59 23.53
C ILE B 319 -18.85 -7.82 24.34
N TYR B 320 -19.38 -6.75 23.77
CA TYR B 320 -20.33 -5.88 24.44
C TYR B 320 -21.74 -6.20 23.95
N THR B 321 -22.63 -6.52 24.88
CA THR B 321 -23.99 -6.93 24.56
C THR B 321 -24.94 -5.79 24.85
N HIS B 322 -25.83 -5.51 23.90
CA HIS B 322 -26.84 -4.47 24.06
C HIS B 322 -28.19 -5.02 23.62
N PHE B 323 -29.26 -4.35 24.06
CA PHE B 323 -30.62 -4.71 23.71
C PHE B 323 -31.19 -3.57 22.87
N THR B 324 -30.97 -3.66 21.55
CA THR B 324 -31.37 -2.60 20.64
C THR B 324 -32.87 -2.71 20.36
N CYS B 325 -33.64 -2.14 21.28
CA CYS B 325 -35.07 -1.97 21.08
C CYS B 325 -35.57 -0.59 21.47
N SER B 326 -34.75 0.21 22.16
CA SER B 326 -35.13 1.58 22.50
C SER B 326 -35.10 2.44 21.25
N THR B 327 -36.28 2.89 20.82
CA THR B 327 -36.39 3.72 19.62
C THR B 327 -35.94 5.15 19.95
N ASP B 328 -34.65 5.28 20.21
CA ASP B 328 -34.04 6.56 20.54
C ASP B 328 -32.58 6.53 20.12
N THR B 329 -31.97 7.71 20.05
CA THR B 329 -30.58 7.84 19.63
C THR B 329 -29.67 7.39 20.77
N LYS B 330 -29.76 6.10 21.07
CA LYS B 330 -28.95 5.46 22.10
C LYS B 330 -28.09 4.34 21.56
N ASN B 331 -28.53 3.63 20.53
CA ASN B 331 -27.73 2.55 19.97
C ASN B 331 -26.42 3.07 19.41
N VAL B 332 -26.46 4.19 18.68
CA VAL B 332 -25.24 4.78 18.17
C VAL B 332 -24.36 5.25 19.33
N GLN B 333 -24.98 5.74 20.41
CA GLN B 333 -24.21 6.12 21.58
C GLN B 333 -23.50 4.92 22.19
N PHE B 334 -24.19 3.78 22.26
CA PHE B 334 -23.55 2.57 22.77
C PHE B 334 -22.41 2.13 21.86
N VAL B 335 -22.63 2.17 20.54
CA VAL B 335 -21.56 1.82 19.62
C VAL B 335 -20.37 2.73 19.82
N PHE B 336 -20.61 4.02 20.04
CA PHE B 336 -19.52 4.97 20.20
C PHE B 336 -18.74 4.72 21.48
N ASP B 337 -19.45 4.56 22.60
CA ASP B 337 -18.78 4.36 23.88
C ASP B 337 -18.23 2.95 24.04
N ALA B 338 -18.55 2.03 23.13
CA ALA B 338 -17.88 0.74 23.10
C ALA B 338 -16.68 0.76 22.16
N VAL B 339 -16.77 1.47 21.04
CA VAL B 339 -15.63 1.60 20.15
C VAL B 339 -14.53 2.40 20.81
N THR B 340 -14.89 3.39 21.64
CA THR B 340 -13.85 4.11 22.39
C THR B 340 -13.14 3.17 23.35
N ASP B 341 -13.89 2.28 24.00
CA ASP B 341 -13.27 1.29 24.88
C ASP B 341 -12.35 0.36 24.09
N VAL B 342 -12.79 -0.06 22.91
CA VAL B 342 -11.96 -0.94 22.08
C VAL B 342 -10.68 -0.21 21.67
N ILE B 343 -10.79 1.07 21.31
CA ILE B 343 -9.61 1.83 20.92
C ILE B 343 -8.67 2.00 22.11
N ILE B 344 -9.21 2.24 23.30
CA ILE B 344 -8.37 2.36 24.48
C ILE B 344 -7.64 1.06 24.76
N LYS B 345 -8.34 -0.07 24.64
CA LYS B 345 -7.71 -1.37 24.85
C LYS B 345 -6.60 -1.60 23.83
N ASN B 346 -6.87 -1.29 22.56
CA ASN B 346 -5.84 -1.44 21.54
C ASN B 346 -4.63 -0.56 21.82
N ASN B 347 -4.87 0.69 22.24
CA ASN B 347 -3.78 1.61 22.49
C ASN B 347 -2.92 1.14 23.65
N LEU B 348 -3.55 0.72 24.75
CA LEU B 348 -2.77 0.27 25.90
C LEU B 348 -2.17 -1.11 25.67
N LYS B 349 -2.66 -1.87 24.70
CA LYS B 349 -1.95 -3.08 24.29
C LYS B 349 -0.70 -2.74 23.49
N ASP B 350 -0.85 -1.83 22.52
CA ASP B 350 0.31 -1.43 21.72
C ASP B 350 1.32 -0.66 22.55
N CYS B 351 0.85 0.23 23.42
CA CYS B 351 1.76 1.00 24.27
C CYS B 351 2.51 0.11 25.26
N GLY B 352 2.06 -1.13 25.46
CA GLY B 352 2.73 -2.03 26.38
C GLY B 352 2.23 -1.90 27.80
N LEU B 353 0.91 -1.92 27.97
CA LEU B 353 0.30 -1.78 29.29
C LEU B 353 -0.72 -2.88 29.56
N PHE B 354 -0.72 -3.94 28.77
CA PHE B 354 -1.64 -5.05 28.96
C PHE B 354 -1.50 -6.07 27.85
N GLU C 17 -35.28 -41.11 -14.86
CA GLU C 17 -35.52 -41.02 -13.42
C GLU C 17 -34.34 -40.36 -12.74
N LEU C 18 -34.59 -39.74 -11.58
CA LEU C 18 -33.52 -39.06 -10.85
C LEU C 18 -32.44 -40.04 -10.43
N ASP C 19 -32.84 -41.19 -9.87
CA ASP C 19 -31.86 -42.17 -9.43
C ASP C 19 -31.12 -42.78 -10.61
N GLN C 20 -31.85 -43.17 -11.66
CA GLN C 20 -31.19 -43.73 -12.83
C GLN C 20 -30.32 -42.70 -13.53
N LEU C 21 -30.76 -41.44 -13.57
CA LEU C 21 -29.91 -40.39 -14.14
C LEU C 21 -28.64 -40.23 -13.32
N ARG C 22 -28.75 -40.24 -12.00
CA ARG C 22 -27.57 -40.09 -11.15
C ARG C 22 -26.59 -41.24 -11.35
N GLN C 23 -27.10 -42.47 -11.40
CA GLN C 23 -26.19 -43.60 -11.58
C GLN C 23 -25.59 -43.61 -12.98
N GLU C 24 -26.35 -43.17 -13.99
CA GLU C 24 -25.80 -43.04 -15.33
C GLU C 24 -24.68 -42.00 -15.35
N ALA C 25 -24.88 -40.88 -14.66
CA ALA C 25 -23.83 -39.88 -14.57
C ALA C 25 -22.60 -40.44 -13.85
N GLU C 26 -22.82 -41.21 -12.79
CA GLU C 26 -21.71 -41.80 -12.06
C GLU C 26 -20.92 -42.76 -12.94
N GLN C 27 -21.60 -43.63 -13.69
CA GLN C 27 -20.88 -44.56 -14.56
C GLN C 27 -20.21 -43.84 -15.73
N LEU C 28 -20.81 -42.75 -16.22
CA LEU C 28 -20.14 -41.95 -17.23
C LEU C 28 -18.86 -41.32 -16.69
N LYS C 29 -18.91 -40.82 -15.45
CA LYS C 29 -17.70 -40.28 -14.83
C LYS C 29 -16.65 -41.37 -14.64
N ASN C 30 -17.09 -42.58 -14.27
CA ASN C 30 -16.16 -43.69 -14.14
C ASN C 30 -15.52 -44.01 -15.49
N GLN C 31 -16.30 -43.96 -16.57
CA GLN C 31 -15.76 -44.16 -17.90
C GLN C 31 -14.74 -43.08 -18.24
N ILE C 32 -15.06 -41.83 -17.90
CA ILE C 32 -14.09 -40.75 -18.11
C ILE C 32 -12.79 -41.08 -17.39
N ARG C 33 -12.88 -41.48 -16.12
CA ARG C 33 -11.70 -41.74 -15.32
C ARG C 33 -10.88 -42.88 -15.91
N ASP C 34 -11.54 -43.98 -16.27
CA ASP C 34 -10.80 -45.14 -16.75
C ASP C 34 -10.20 -44.88 -18.13
N ALA C 35 -10.91 -44.12 -18.97
CA ALA C 35 -10.36 -43.78 -20.27
C ALA C 35 -9.13 -42.89 -20.13
N ARG C 36 -9.18 -41.89 -19.27
CA ARG C 36 -8.02 -41.02 -19.10
C ARG C 36 -6.87 -41.77 -18.43
N LYS C 37 -7.18 -42.70 -17.52
CA LYS C 37 -6.11 -43.51 -16.91
C LYS C 37 -5.46 -44.41 -17.94
N ALA C 38 -6.25 -45.05 -18.80
CA ALA C 38 -5.68 -45.93 -19.81
C ALA C 38 -4.76 -45.17 -20.75
N CYS C 39 -5.02 -43.88 -20.97
CA CYS C 39 -4.17 -43.06 -21.81
C CYS C 39 -3.08 -42.37 -20.98
N ALA C 40 -2.37 -43.17 -20.19
CA ALA C 40 -1.25 -42.68 -19.38
C ALA C 40 -0.25 -43.82 -19.25
N ASP C 41 0.78 -43.81 -20.10
CA ASP C 41 1.76 -44.88 -20.11
C ASP C 41 2.99 -44.57 -19.26
N ALA C 42 3.41 -43.31 -19.22
CA ALA C 42 4.57 -42.91 -18.43
C ALA C 42 4.34 -41.50 -17.90
N THR C 43 4.53 -41.33 -16.60
CA THR C 43 4.32 -40.03 -15.97
C THR C 43 5.40 -39.05 -16.42
N LEU C 44 5.11 -37.76 -16.22
CA LEU C 44 6.06 -36.73 -16.63
C LEU C 44 7.37 -36.85 -15.87
N SER C 45 7.34 -37.31 -14.62
CA SER C 45 8.57 -37.41 -13.85
C SER C 45 9.55 -38.38 -14.49
N GLN C 46 9.06 -39.55 -14.94
CA GLN C 46 9.95 -40.53 -15.55
C GLN C 46 10.59 -39.98 -16.82
N ILE C 47 9.80 -39.30 -17.65
CA ILE C 47 10.33 -38.76 -18.90
C ILE C 47 11.32 -37.64 -18.62
N THR C 48 11.06 -36.84 -17.59
CA THR C 48 11.88 -35.67 -17.30
C THR C 48 13.05 -35.98 -16.36
N ASN C 49 13.20 -37.24 -15.92
CA ASN C 49 14.34 -37.57 -15.08
C ASN C 49 15.66 -37.37 -15.82
N ASN C 50 15.68 -37.70 -17.12
CA ASN C 50 16.93 -37.65 -17.88
C ASN C 50 17.48 -36.24 -17.95
N ILE C 51 16.63 -35.25 -18.23
CA ILE C 51 17.11 -33.88 -18.36
C ILE C 51 17.69 -33.41 -17.03
N ASP C 52 18.79 -32.66 -17.11
CA ASP C 52 19.45 -32.20 -15.91
C ASP C 52 18.57 -31.20 -15.16
N PRO C 53 18.74 -31.06 -13.86
CA PRO C 53 17.91 -30.13 -13.09
C PRO C 53 18.34 -28.69 -13.33
N VAL C 54 17.46 -27.77 -12.93
CA VAL C 54 17.77 -26.34 -13.03
C VAL C 54 18.68 -25.88 -11.91
N GLY C 55 19.04 -26.76 -10.99
CA GLY C 55 19.91 -26.36 -9.90
C GLY C 55 19.21 -25.37 -8.98
N ARG C 56 20.02 -24.60 -8.28
CA ARG C 56 19.54 -23.55 -7.38
C ARG C 56 19.67 -22.20 -8.07
N ILE C 57 18.60 -21.43 -8.07
CA ILE C 57 18.56 -20.12 -8.72
C ILE C 57 18.22 -19.08 -7.67
N GLN C 58 19.13 -18.14 -7.45
CA GLN C 58 18.98 -17.10 -6.44
C GLN C 58 18.68 -15.78 -7.14
N MET C 59 17.48 -15.26 -6.93
CA MET C 59 17.06 -13.99 -7.52
C MET C 59 16.82 -12.99 -6.40
N ARG C 60 17.48 -11.84 -6.49
CA ARG C 60 17.42 -10.83 -5.47
C ARG C 60 16.26 -9.88 -5.71
N THR C 61 15.96 -9.05 -4.72
CA THR C 61 14.88 -8.06 -4.80
C THR C 61 15.44 -6.82 -5.49
N ARG C 62 15.30 -6.78 -6.81
CA ARG C 62 15.81 -5.64 -7.57
C ARG C 62 15.09 -4.36 -7.17
N ARG C 63 13.77 -4.42 -7.02
CA ARG C 63 12.96 -3.28 -6.65
C ARG C 63 12.00 -3.67 -5.54
N THR C 64 11.61 -2.68 -4.73
CA THR C 64 10.61 -2.87 -3.69
C THR C 64 9.68 -1.66 -3.76
N LEU C 65 8.55 -1.84 -4.44
CA LEU C 65 7.60 -0.75 -4.67
C LEU C 65 6.74 -0.58 -3.42
N ARG C 66 6.92 0.54 -2.72
CA ARG C 66 6.30 0.77 -1.42
C ARG C 66 5.46 2.04 -1.47
N GLY C 67 4.21 1.90 -1.88
CA GLY C 67 3.30 3.03 -1.88
C GLY C 67 1.98 2.74 -1.20
N HIS C 68 1.65 1.46 -1.05
CA HIS C 68 0.37 1.08 -0.48
C HIS C 68 0.41 1.15 1.03
N LEU C 69 -0.74 1.50 1.63
CA LEU C 69 -0.88 1.62 3.07
C LEU C 69 -1.86 0.59 3.62
N ALA C 70 -1.94 -0.57 2.98
CA ALA C 70 -2.82 -1.66 3.40
C ALA C 70 -2.45 -2.89 2.58
N LYS C 71 -3.22 -3.96 2.74
CA LYS C 71 -2.94 -5.17 1.98
C LYS C 71 -3.13 -4.91 0.49
N ILE C 72 -2.37 -5.64 -0.32
CA ILE C 72 -2.52 -5.67 -1.77
C ILE C 72 -2.95 -7.06 -2.17
N TYR C 73 -4.07 -7.16 -2.89
CA TYR C 73 -4.64 -8.47 -3.21
C TYR C 73 -4.48 -8.90 -4.66
N ALA C 74 -3.92 -8.08 -5.52
CA ALA C 74 -3.77 -8.50 -6.91
C ALA C 74 -2.93 -7.48 -7.65
N MET C 75 -2.39 -7.92 -8.78
CA MET C 75 -1.69 -7.04 -9.70
C MET C 75 -1.64 -7.72 -11.06
N HIS C 76 -1.08 -7.02 -12.03
CA HIS C 76 -0.95 -7.56 -13.38
C HIS C 76 0.10 -6.77 -14.12
N TRP C 77 1.10 -7.46 -14.66
CA TRP C 77 2.11 -6.81 -15.46
C TRP C 77 1.54 -6.31 -16.78
N GLY C 78 2.03 -5.18 -17.24
CA GLY C 78 1.63 -4.67 -18.54
C GLY C 78 2.19 -5.51 -19.67
N THR C 79 1.61 -5.29 -20.86
CA THR C 79 2.09 -6.01 -22.04
C THR C 79 3.54 -5.65 -22.34
N ASP C 80 3.89 -4.37 -22.21
CA ASP C 80 5.27 -3.95 -22.41
C ASP C 80 6.19 -4.46 -21.32
N SER C 81 5.64 -5.00 -20.23
CA SER C 81 6.45 -5.58 -19.15
C SER C 81 7.18 -4.53 -18.34
N ARG C 82 6.65 -3.31 -18.29
CA ARG C 82 7.23 -2.23 -17.50
C ARG C 82 6.26 -1.64 -16.50
N LEU C 83 4.99 -1.51 -16.86
CA LEU C 83 3.97 -0.97 -15.97
C LEU C 83 3.21 -2.11 -15.33
N LEU C 84 3.04 -2.05 -14.01
CA LEU C 84 2.27 -3.06 -13.29
C LEU C 84 1.25 -2.35 -12.41
N VAL C 85 0.00 -2.79 -12.50
CA VAL C 85 -1.09 -2.22 -11.70
C VAL C 85 -1.33 -3.13 -10.51
N SER C 86 -1.38 -2.54 -9.32
CA SER C 86 -1.53 -3.28 -8.08
C SER C 86 -2.63 -2.65 -7.24
N ALA C 87 -3.57 -3.46 -6.77
CA ALA C 87 -4.75 -2.98 -6.07
C ALA C 87 -4.70 -3.37 -4.59
N SER C 88 -4.87 -2.39 -3.71
CA SER C 88 -4.87 -2.61 -2.27
C SER C 88 -6.27 -2.39 -1.72
N GLN C 89 -6.45 -2.74 -0.44
CA GLN C 89 -7.71 -2.51 0.22
C GLN C 89 -7.81 -1.12 0.85
N ASP C 90 -6.80 -0.27 0.68
CA ASP C 90 -6.88 1.10 1.15
C ASP C 90 -7.69 2.00 0.21
N GLY C 91 -8.41 1.40 -0.74
CA GLY C 91 -9.20 2.16 -1.68
C GLY C 91 -8.47 2.65 -2.90
N LYS C 92 -7.25 2.16 -3.14
CA LYS C 92 -6.42 2.63 -4.25
C LYS C 92 -5.86 1.45 -5.03
N LEU C 93 -5.74 1.64 -6.34
CA LEU C 93 -4.90 0.79 -7.17
C LEU C 93 -3.92 1.69 -7.90
N ILE C 94 -2.64 1.33 -7.84
CA ILE C 94 -1.55 2.17 -8.30
C ILE C 94 -0.89 1.51 -9.51
N ILE C 95 -0.56 2.31 -10.51
CA ILE C 95 0.10 1.84 -11.71
C ILE C 95 1.58 2.19 -11.55
N TRP C 96 2.35 1.23 -11.06
CA TRP C 96 3.78 1.41 -10.86
C TRP C 96 4.53 1.31 -12.18
N ASP C 97 5.55 2.15 -12.32
CA ASP C 97 6.55 2.02 -13.38
C ASP C 97 7.71 1.23 -12.77
N SER C 98 7.70 -0.08 -13.00
CA SER C 98 8.62 -0.96 -12.28
C SER C 98 10.08 -0.58 -12.50
N TYR C 99 10.43 -0.07 -13.69
CA TYR C 99 11.82 0.22 -13.97
C TYR C 99 12.39 1.26 -13.02
N THR C 100 11.61 2.31 -12.72
CA THR C 100 12.10 3.42 -11.91
C THR C 100 11.36 3.58 -10.59
N THR C 101 10.42 2.69 -10.27
CA THR C 101 9.65 2.72 -9.04
C THR C 101 8.63 3.85 -9.01
N ASN C 102 8.59 4.71 -10.03
CA ASN C 102 7.61 5.79 -10.06
C ASN C 102 6.21 5.23 -10.19
N LYS C 103 5.24 5.98 -9.66
CA LYS C 103 3.83 5.68 -9.83
C LYS C 103 3.28 6.64 -10.88
N VAL C 104 2.70 6.08 -11.95
CA VAL C 104 2.13 6.93 -13.00
C VAL C 104 0.67 7.27 -12.73
N HIS C 105 -0.02 6.49 -11.91
CA HIS C 105 -1.41 6.77 -11.58
C HIS C 105 -1.71 6.16 -10.21
N ALA C 106 -2.53 6.84 -9.44
CA ALA C 106 -3.05 6.32 -8.17
C ALA C 106 -4.57 6.43 -8.26
N ILE C 107 -5.21 5.43 -8.85
CA ILE C 107 -6.65 5.47 -9.10
C ILE C 107 -7.38 5.14 -7.80
N PRO C 108 -8.22 6.04 -7.29
CA PRO C 108 -9.09 5.66 -6.18
C PRO C 108 -10.21 4.74 -6.65
N LEU C 109 -10.81 4.05 -5.69
CA LEU C 109 -11.86 3.09 -5.96
C LEU C 109 -13.16 3.53 -5.29
N ARG C 110 -14.27 3.34 -6.00
CA ARG C 110 -15.57 3.66 -5.43
C ARG C 110 -15.81 2.83 -4.18
N SER C 111 -15.50 1.54 -4.24
CA SER C 111 -15.55 0.64 -3.09
C SER C 111 -14.13 0.17 -2.82
N SER C 112 -13.65 0.41 -1.60
CA SER C 112 -12.26 0.10 -1.27
C SER C 112 -11.99 -1.39 -1.20
N TRP C 113 -13.01 -2.23 -1.27
CA TRP C 113 -12.86 -3.67 -1.15
C TRP C 113 -12.62 -4.24 -2.56
N VAL C 114 -11.35 -4.42 -2.90
CA VAL C 114 -10.93 -4.89 -4.21
C VAL C 114 -10.13 -6.16 -4.02
N MET C 115 -10.51 -7.21 -4.76
CA MET C 115 -9.85 -8.51 -4.67
C MET C 115 -9.26 -8.98 -5.99
N THR C 116 -9.13 -8.09 -6.97
CA THR C 116 -8.58 -8.47 -8.26
C THR C 116 -8.08 -7.22 -8.97
N CYS C 117 -7.46 -7.45 -10.13
CA CYS C 117 -6.89 -6.36 -10.91
C CYS C 117 -6.50 -6.91 -12.28
N ALA C 118 -6.55 -6.04 -13.28
CA ALA C 118 -6.20 -6.43 -14.63
C ALA C 118 -5.75 -5.19 -15.39
N TYR C 119 -4.78 -5.36 -16.28
CA TYR C 119 -4.23 -4.26 -17.07
C TYR C 119 -4.40 -4.65 -18.54
N ALA C 120 -5.15 -3.84 -19.28
CA ALA C 120 -5.56 -4.25 -20.61
C ALA C 120 -4.34 -4.51 -21.50
N PRO C 121 -4.43 -5.47 -22.43
CA PRO C 121 -3.26 -5.75 -23.28
C PRO C 121 -2.76 -4.53 -24.04
N SER C 122 -3.67 -3.69 -24.54
CA SER C 122 -3.24 -2.48 -25.23
C SER C 122 -2.71 -1.43 -24.25
N GLY C 123 -2.99 -1.59 -22.96
CA GLY C 123 -2.52 -0.67 -21.95
C GLY C 123 -3.42 0.52 -21.72
N ASN C 124 -4.46 0.70 -22.52
CA ASN C 124 -5.34 1.84 -22.34
C ASN C 124 -6.14 1.73 -21.05
N TYR C 125 -6.77 0.58 -20.82
CA TYR C 125 -7.70 0.41 -19.71
C TYR C 125 -7.08 -0.44 -18.61
N VAL C 126 -7.65 -0.32 -17.41
CA VAL C 126 -7.43 -1.26 -16.32
C VAL C 126 -8.79 -1.63 -15.77
N ALA C 127 -8.82 -2.73 -15.02
CA ALA C 127 -10.06 -3.20 -14.42
C ALA C 127 -9.79 -3.67 -13.00
N CYS C 128 -10.76 -3.47 -12.12
CA CYS C 128 -10.67 -4.00 -10.77
C CYS C 128 -12.06 -4.36 -10.28
N GLY C 129 -12.16 -5.45 -9.53
CA GLY C 129 -13.42 -5.90 -8.99
C GLY C 129 -13.42 -5.84 -7.48
N GLY C 130 -13.89 -6.91 -6.84
CA GLY C 130 -13.84 -7.02 -5.40
C GLY C 130 -15.18 -7.40 -4.83
N LEU C 131 -15.34 -7.13 -3.54
CA LEU C 131 -16.55 -7.53 -2.83
C LEU C 131 -17.80 -6.83 -3.35
N ASP C 132 -17.65 -5.68 -4.01
CA ASP C 132 -18.82 -4.94 -4.47
C ASP C 132 -19.57 -5.66 -5.58
N ASN C 133 -19.00 -6.73 -6.15
CA ASN C 133 -19.60 -7.49 -7.23
C ASN C 133 -19.60 -6.74 -8.56
N ILE C 134 -18.94 -5.60 -8.62
CA ILE C 134 -18.93 -4.75 -9.81
C ILE C 134 -17.50 -4.65 -10.30
N CYS C 135 -17.28 -4.98 -11.57
CA CYS C 135 -15.97 -4.84 -12.21
C CYS C 135 -15.90 -3.44 -12.79
N SER C 136 -15.18 -2.54 -12.13
CA SER C 136 -15.03 -1.18 -12.61
C SER C 136 -13.84 -1.12 -13.56
N ILE C 137 -14.08 -0.63 -14.77
CA ILE C 137 -13.06 -0.53 -15.82
C ILE C 137 -12.73 0.95 -15.97
N TYR C 138 -11.48 1.29 -15.67
CA TYR C 138 -10.97 2.65 -15.74
C TYR C 138 -10.23 2.86 -17.05
N ASN C 139 -10.37 4.05 -17.61
CA ASN C 139 -9.68 4.44 -18.83
C ASN C 139 -8.51 5.34 -18.47
N LEU C 140 -7.32 4.97 -18.93
CA LEU C 140 -6.11 5.72 -18.60
C LEU C 140 -5.76 6.76 -19.67
N LYS C 141 -5.67 6.33 -20.94
CA LYS C 141 -5.29 7.21 -22.03
C LYS C 141 -6.50 8.07 -22.43
N THR C 142 -6.87 8.97 -21.52
CA THR C 142 -7.96 9.90 -21.73
C THR C 142 -7.39 11.32 -21.82
N ARG C 143 -7.92 12.11 -22.75
CA ARG C 143 -7.43 13.47 -22.94
C ARG C 143 -8.03 14.41 -21.91
N GLU C 144 -7.96 14.02 -20.64
CA GLU C 144 -8.45 14.85 -19.54
C GLU C 144 -7.49 14.90 -18.37
N GLY C 145 -6.47 14.04 -18.32
CA GLY C 145 -5.55 13.99 -17.20
C GLY C 145 -5.95 12.95 -16.17
N ASN C 146 -7.13 13.12 -15.58
CA ASN C 146 -7.58 12.18 -14.55
C ASN C 146 -8.04 10.88 -15.18
N VAL C 147 -7.88 9.79 -14.44
CA VAL C 147 -8.36 8.48 -14.87
C VAL C 147 -9.86 8.40 -14.61
N ARG C 148 -10.62 8.10 -15.65
CA ARG C 148 -12.07 8.08 -15.56
C ARG C 148 -12.59 6.65 -15.68
N VAL C 149 -13.64 6.35 -14.93
CA VAL C 149 -14.25 5.01 -14.96
C VAL C 149 -14.98 4.84 -16.28
N SER C 150 -14.37 4.10 -17.20
CA SER C 150 -15.03 3.87 -18.49
C SER C 150 -16.34 3.12 -18.31
N ARG C 151 -16.35 2.11 -17.44
CA ARG C 151 -17.55 1.32 -17.22
C ARG C 151 -17.57 0.77 -15.80
N GLU C 152 -18.76 0.33 -15.38
CA GLU C 152 -18.93 -0.40 -14.13
C GLU C 152 -19.79 -1.62 -14.46
N LEU C 153 -19.15 -2.70 -14.89
CA LEU C 153 -19.87 -3.91 -15.24
C LEU C 153 -20.50 -4.52 -14.00
N ALA C 154 -21.81 -4.78 -14.07
CA ALA C 154 -22.55 -5.34 -12.95
C ALA C 154 -23.47 -6.43 -13.47
N GLY C 155 -23.81 -7.36 -12.57
CA GLY C 155 -24.64 -8.49 -12.93
C GLY C 155 -24.22 -9.77 -12.22
N HIS C 156 -23.09 -9.73 -11.53
CA HIS C 156 -22.64 -10.87 -10.76
C HIS C 156 -23.33 -10.90 -9.40
N THR C 157 -23.76 -12.09 -8.99
CA THR C 157 -24.44 -12.24 -7.72
C THR C 157 -23.49 -12.29 -6.53
N GLY C 158 -22.20 -12.46 -6.77
CA GLY C 158 -21.21 -12.50 -5.71
C GLY C 158 -20.00 -11.64 -6.03
N TYR C 159 -19.01 -11.71 -5.15
CA TYR C 159 -17.79 -10.96 -5.34
C TYR C 159 -17.05 -11.45 -6.58
N LEU C 160 -16.18 -10.61 -7.11
CA LEU C 160 -15.31 -10.96 -8.23
C LEU C 160 -13.94 -11.31 -7.70
N SER C 161 -13.48 -12.53 -8.00
CA SER C 161 -12.19 -13.01 -7.53
C SER C 161 -11.07 -12.71 -8.51
N CYS C 162 -11.33 -12.80 -9.81
CA CYS C 162 -10.31 -12.54 -10.81
C CYS C 162 -10.98 -12.10 -12.10
N CYS C 163 -10.50 -11.00 -12.67
CA CYS C 163 -10.97 -10.49 -13.95
C CYS C 163 -9.76 -10.33 -14.87
N ARG C 164 -9.89 -10.80 -16.11
CA ARG C 164 -8.80 -10.72 -17.07
C ARG C 164 -9.33 -10.11 -18.36
N PHE C 165 -8.50 -9.30 -19.00
CA PHE C 165 -8.88 -8.60 -20.23
C PHE C 165 -8.61 -9.49 -21.43
N LEU C 166 -9.65 -9.73 -22.22
CA LEU C 166 -9.45 -10.39 -23.51
C LEU C 166 -8.87 -9.41 -24.53
N ASP C 167 -9.58 -8.30 -24.73
CA ASP C 167 -9.12 -7.20 -25.57
C ASP C 167 -9.49 -5.91 -24.86
N ASP C 168 -9.42 -4.79 -25.58
CA ASP C 168 -9.92 -3.54 -25.04
C ASP C 168 -11.44 -3.49 -24.99
N ASN C 169 -12.12 -4.49 -25.57
CA ASN C 169 -13.57 -4.50 -25.65
C ASN C 169 -14.23 -5.63 -24.89
N GLN C 170 -13.53 -6.74 -24.62
CA GLN C 170 -14.09 -7.88 -23.92
C GLN C 170 -13.26 -8.19 -22.69
N ILE C 171 -13.94 -8.45 -21.58
CA ILE C 171 -13.28 -8.79 -20.32
C ILE C 171 -13.99 -9.98 -19.71
N VAL C 172 -13.23 -11.01 -19.35
CA VAL C 172 -13.79 -12.19 -18.70
C VAL C 172 -13.59 -12.06 -17.20
N THR C 173 -14.67 -12.23 -16.46
CA THR C 173 -14.67 -12.09 -15.01
C THR C 173 -15.10 -13.39 -14.36
N SER C 174 -14.51 -13.69 -13.21
CA SER C 174 -14.88 -14.83 -12.40
C SER C 174 -15.40 -14.34 -11.06
N SER C 175 -16.59 -14.81 -10.68
CA SER C 175 -17.27 -14.32 -9.49
C SER C 175 -17.47 -15.45 -8.49
N GLY C 176 -17.95 -15.08 -7.32
CA GLY C 176 -18.26 -16.03 -6.27
C GLY C 176 -19.62 -16.67 -6.38
N ASP C 177 -20.38 -16.37 -7.43
CA ASP C 177 -21.67 -17.00 -7.65
C ASP C 177 -21.54 -18.30 -8.43
N THR C 178 -20.34 -18.86 -8.54
CA THR C 178 -20.08 -20.12 -9.22
C THR C 178 -20.22 -20.01 -10.73
N THR C 179 -20.00 -18.84 -11.30
CA THR C 179 -20.10 -18.64 -12.74
C THR C 179 -19.05 -17.65 -13.19
N CYS C 180 -18.68 -17.76 -14.47
CA CYS C 180 -17.85 -16.77 -15.13
C CYS C 180 -18.70 -16.00 -16.14
N ALA C 181 -18.21 -14.84 -16.54
CA ALA C 181 -18.92 -14.02 -17.50
C ALA C 181 -17.94 -13.42 -18.50
N LEU C 182 -18.42 -13.14 -19.70
CA LEU C 182 -17.63 -12.51 -20.75
C LEU C 182 -18.31 -11.18 -21.09
N TRP C 183 -17.96 -10.14 -20.33
CA TRP C 183 -18.57 -8.84 -20.54
C TRP C 183 -18.04 -8.19 -21.80
N ASP C 184 -18.95 -7.66 -22.61
CA ASP C 184 -18.60 -6.77 -23.71
C ASP C 184 -18.62 -5.35 -23.14
N ILE C 185 -17.44 -4.75 -23.02
CA ILE C 185 -17.31 -3.51 -22.25
C ILE C 185 -18.16 -2.40 -22.85
N GLU C 186 -18.17 -2.30 -24.19
CA GLU C 186 -18.89 -1.19 -24.82
C GLU C 186 -20.36 -1.17 -24.41
N THR C 187 -21.04 -2.30 -24.55
CA THR C 187 -22.45 -2.39 -24.13
C THR C 187 -22.59 -2.67 -22.65
N GLY C 188 -21.53 -3.08 -21.97
CA GLY C 188 -21.58 -3.29 -20.53
C GLY C 188 -22.56 -4.36 -20.10
N GLN C 189 -22.71 -5.41 -20.89
CA GLN C 189 -23.61 -6.51 -20.55
C GLN C 189 -22.94 -7.84 -20.90
N GLN C 190 -23.23 -8.86 -20.10
CA GLN C 190 -22.69 -10.18 -20.36
C GLN C 190 -23.09 -10.64 -21.75
N THR C 191 -22.12 -11.09 -22.54
CA THR C 191 -22.41 -11.72 -23.82
C THR C 191 -22.39 -13.24 -23.73
N THR C 192 -21.84 -13.80 -22.66
CA THR C 192 -21.82 -15.24 -22.46
C THR C 192 -21.51 -15.52 -21.00
N THR C 193 -22.36 -16.30 -20.36
CA THR C 193 -22.18 -16.69 -18.96
C THR C 193 -21.80 -18.15 -18.92
N PHE C 194 -20.60 -18.43 -18.41
CA PHE C 194 -20.09 -19.79 -18.29
C PHE C 194 -20.54 -20.37 -16.96
N THR C 195 -21.42 -21.36 -17.02
CA THR C 195 -21.91 -22.08 -15.86
C THR C 195 -21.41 -23.51 -15.88
N GLY C 196 -21.42 -24.15 -14.71
CA GLY C 196 -20.96 -25.51 -14.59
C GLY C 196 -20.22 -25.75 -13.29
N HIS C 197 -19.75 -24.68 -12.67
CA HIS C 197 -19.06 -24.80 -11.39
C HIS C 197 -20.06 -24.97 -10.26
N THR C 198 -19.57 -25.48 -9.13
CA THR C 198 -20.39 -25.72 -7.95
C THR C 198 -19.84 -24.99 -6.73
N GLY C 199 -19.02 -23.96 -6.94
CA GLY C 199 -18.47 -23.21 -5.83
C GLY C 199 -17.86 -21.92 -6.33
N ASP C 200 -17.36 -21.13 -5.39
CA ASP C 200 -16.75 -19.86 -5.75
C ASP C 200 -15.64 -20.07 -6.77
N VAL C 201 -15.73 -19.37 -7.89
CA VAL C 201 -14.69 -19.44 -8.92
C VAL C 201 -13.57 -18.49 -8.49
N MET C 202 -12.54 -19.05 -7.87
CA MET C 202 -11.53 -18.23 -7.20
C MET C 202 -10.49 -17.64 -8.15
N SER C 203 -10.27 -18.23 -9.31
CA SER C 203 -9.21 -17.72 -10.17
C SER C 203 -9.49 -18.07 -11.61
N LEU C 204 -8.82 -17.35 -12.51
CA LEU C 204 -9.07 -17.44 -13.94
C LEU C 204 -7.77 -17.21 -14.69
N SER C 205 -7.68 -17.76 -15.90
CA SER C 205 -6.47 -17.56 -16.71
C SER C 205 -6.79 -17.73 -18.19
N LEU C 206 -6.27 -16.80 -19.00
CA LEU C 206 -6.51 -16.78 -20.44
C LEU C 206 -5.41 -17.52 -21.19
N ALA C 207 -5.77 -18.02 -22.38
CA ALA C 207 -4.80 -18.65 -23.25
C ALA C 207 -3.93 -17.61 -23.95
N PRO C 208 -2.72 -17.99 -24.38
CA PRO C 208 -1.92 -17.05 -25.18
C PRO C 208 -2.64 -16.54 -26.40
N ASP C 209 -3.41 -17.41 -27.07
CA ASP C 209 -4.25 -16.99 -28.17
C ASP C 209 -5.61 -16.47 -27.71
N THR C 210 -5.89 -16.54 -26.41
CA THR C 210 -7.13 -16.02 -25.83
C THR C 210 -8.37 -16.65 -26.47
N ARG C 211 -8.22 -17.80 -27.11
CA ARG C 211 -9.36 -18.49 -27.69
C ARG C 211 -10.10 -19.36 -26.68
N LEU C 212 -9.52 -19.59 -25.51
CA LEU C 212 -10.17 -20.40 -24.48
C LEU C 212 -9.39 -20.25 -23.18
N PHE C 213 -10.11 -20.08 -22.08
CA PHE C 213 -9.55 -19.83 -20.77
C PHE C 213 -9.91 -20.96 -19.82
N VAL C 214 -9.34 -20.90 -18.61
CA VAL C 214 -9.70 -21.86 -17.56
C VAL C 214 -10.06 -21.10 -16.30
N SER C 215 -10.86 -21.75 -15.47
CA SER C 215 -11.31 -21.17 -14.21
C SER C 215 -11.18 -22.22 -13.11
N GLY C 216 -10.56 -21.83 -12.00
CA GLY C 216 -10.41 -22.68 -10.83
C GLY C 216 -11.30 -22.19 -9.71
N ALA C 217 -12.10 -23.10 -9.18
CA ALA C 217 -13.14 -22.79 -8.21
C ALA C 217 -12.88 -23.51 -6.90
N CYS C 218 -13.73 -23.21 -5.91
CA CYS C 218 -13.59 -23.79 -4.59
C CYS C 218 -14.09 -25.23 -4.51
N ASP C 219 -14.71 -25.74 -5.57
CA ASP C 219 -15.15 -27.13 -5.59
C ASP C 219 -14.03 -28.10 -5.91
N ALA C 220 -12.78 -27.66 -5.84
CA ALA C 220 -11.63 -28.52 -6.10
C ALA C 220 -11.69 -29.10 -7.51
N SER C 221 -11.68 -28.22 -8.50
CA SER C 221 -11.68 -28.62 -9.89
C SER C 221 -11.42 -27.39 -10.75
N ALA C 222 -10.69 -27.59 -11.86
CA ALA C 222 -10.40 -26.53 -12.81
C ALA C 222 -11.07 -26.86 -14.13
N LYS C 223 -11.81 -25.89 -14.68
CA LYS C 223 -12.59 -26.12 -15.88
C LYS C 223 -11.99 -25.35 -17.04
N LEU C 224 -11.88 -26.04 -18.19
CA LEU C 224 -11.47 -25.44 -19.46
C LEU C 224 -12.71 -25.14 -20.27
N TRP C 225 -12.99 -23.85 -20.47
CA TRP C 225 -14.10 -23.37 -21.27
C TRP C 225 -13.63 -23.06 -22.68
N ASP C 226 -14.50 -22.42 -23.46
CA ASP C 226 -14.14 -21.91 -24.77
C ASP C 226 -14.99 -20.68 -25.04
N VAL C 227 -14.38 -19.50 -24.93
CA VAL C 227 -15.11 -18.25 -24.91
C VAL C 227 -16.05 -18.09 -26.11
N ARG C 228 -15.75 -18.76 -27.22
CA ARG C 228 -16.54 -18.55 -28.43
C ARG C 228 -18.00 -18.91 -28.21
N GLU C 229 -18.27 -20.08 -27.63
CA GLU C 229 -19.63 -20.52 -27.36
C GLU C 229 -19.96 -20.66 -25.88
N GLY C 230 -18.96 -20.77 -25.01
CA GLY C 230 -19.20 -20.78 -23.58
C GLY C 230 -19.70 -22.10 -23.04
N MET C 231 -18.88 -23.14 -23.17
CA MET C 231 -19.15 -24.43 -22.59
C MET C 231 -17.87 -24.98 -22.00
N CYS C 232 -17.97 -25.68 -20.87
CA CYS C 232 -16.79 -26.26 -20.24
C CYS C 232 -16.26 -27.36 -21.14
N ARG C 233 -15.19 -27.07 -21.88
CA ARG C 233 -14.62 -28.07 -22.77
C ARG C 233 -14.10 -29.27 -21.98
N GLN C 234 -13.45 -29.02 -20.84
CA GLN C 234 -12.89 -30.10 -20.06
C GLN C 234 -13.02 -29.76 -18.57
N THR C 235 -12.96 -30.78 -17.73
CA THR C 235 -12.95 -30.60 -16.28
C THR C 235 -11.83 -31.45 -15.69
N PHE C 236 -11.05 -30.84 -14.81
CA PHE C 236 -9.92 -31.48 -14.17
C PHE C 236 -10.13 -31.52 -12.67
N THR C 237 -9.92 -32.69 -12.07
CA THR C 237 -10.02 -32.89 -10.64
C THR C 237 -8.66 -33.33 -10.11
N GLY C 238 -8.61 -33.68 -8.83
CA GLY C 238 -7.39 -34.15 -8.21
C GLY C 238 -7.06 -33.40 -6.94
N HIS C 239 -7.35 -32.11 -6.92
CA HIS C 239 -7.12 -31.31 -5.72
C HIS C 239 -8.08 -31.74 -4.62
N GLU C 240 -7.58 -31.73 -3.39
CA GLU C 240 -8.38 -32.08 -2.22
C GLU C 240 -9.05 -30.88 -1.58
N SER C 241 -8.86 -29.68 -2.13
CA SER C 241 -9.39 -28.47 -1.51
C SER C 241 -9.52 -27.40 -2.59
N ASP C 242 -9.69 -26.15 -2.16
CA ASP C 242 -9.92 -25.02 -3.06
C ASP C 242 -8.80 -24.90 -4.08
N ILE C 243 -9.05 -24.12 -5.14
CA ILE C 243 -8.03 -23.83 -6.15
C ILE C 243 -7.90 -22.31 -6.19
N ASN C 244 -6.93 -21.79 -5.45
CA ASN C 244 -6.82 -20.35 -5.24
C ASN C 244 -6.18 -19.61 -6.41
N ALA C 245 -5.55 -20.31 -7.36
CA ALA C 245 -4.89 -19.63 -8.47
C ALA C 245 -4.61 -20.61 -9.59
N ILE C 246 -4.57 -20.09 -10.81
CA ILE C 246 -4.23 -20.87 -11.99
C ILE C 246 -3.40 -20.01 -12.94
N CYS C 247 -2.54 -20.67 -13.71
CA CYS C 247 -1.85 -20.04 -14.82
C CYS C 247 -1.65 -21.08 -15.90
N PHE C 248 -1.33 -20.62 -17.11
CA PHE C 248 -1.01 -21.51 -18.21
C PHE C 248 0.48 -21.66 -18.42
N PHE C 249 0.88 -22.88 -18.73
CA PHE C 249 2.14 -23.11 -19.42
C PHE C 249 2.13 -22.28 -20.70
N PRO C 250 3.12 -21.42 -20.94
CA PRO C 250 3.04 -20.49 -22.08
C PRO C 250 2.70 -21.16 -23.40
N ASN C 251 2.94 -22.47 -23.50
CA ASN C 251 2.55 -23.20 -24.70
C ASN C 251 1.05 -23.08 -24.97
N GLY C 252 0.25 -22.88 -23.94
CA GLY C 252 -1.19 -22.83 -24.09
C GLY C 252 -1.86 -24.18 -24.16
N ASN C 253 -1.16 -25.26 -23.81
CA ASN C 253 -1.72 -26.60 -23.80
C ASN C 253 -1.43 -27.32 -22.48
N ALA C 254 -1.28 -26.56 -21.40
CA ALA C 254 -1.11 -27.13 -20.07
C ALA C 254 -1.17 -26.00 -19.06
N PHE C 255 -1.84 -26.25 -17.94
CA PHE C 255 -2.03 -25.22 -16.93
C PHE C 255 -1.76 -25.78 -15.55
N ALA C 256 -1.24 -24.92 -14.69
CA ALA C 256 -0.89 -25.27 -13.32
C ALA C 256 -1.79 -24.50 -12.36
N THR C 257 -2.38 -25.23 -11.41
CA THR C 257 -3.36 -24.68 -10.49
C THR C 257 -2.83 -24.78 -9.06
N GLY C 258 -2.86 -23.67 -8.34
CA GLY C 258 -2.55 -23.71 -6.93
C GLY C 258 -3.65 -24.43 -6.18
N SER C 259 -3.68 -24.30 -4.85
CA SER C 259 -4.76 -24.83 -4.04
C SER C 259 -4.53 -24.43 -2.60
N ASP C 260 -5.54 -24.66 -1.77
CA ASP C 260 -5.47 -24.34 -0.36
C ASP C 260 -4.92 -25.48 0.49
N ASP C 261 -4.62 -26.63 -0.13
CA ASP C 261 -4.02 -27.75 0.58
C ASP C 261 -2.51 -27.83 0.38
N ALA C 262 -1.87 -26.71 0.07
CA ALA C 262 -0.42 -26.64 -0.07
C ALA C 262 0.07 -27.58 -1.15
N THR C 263 -0.45 -27.38 -2.35
CA THR C 263 -0.07 -28.22 -3.49
C THR C 263 -0.52 -27.55 -4.77
N CYS C 264 0.39 -27.37 -5.71
CA CYS C 264 0.09 -26.88 -7.04
C CYS C 264 0.40 -27.97 -8.05
N ARG C 265 -0.58 -28.29 -8.89
CA ARG C 265 -0.44 -29.38 -9.84
C ARG C 265 -0.19 -28.83 -11.24
N LEU C 266 -0.02 -29.75 -12.20
CA LEU C 266 0.16 -29.37 -13.60
C LEU C 266 -0.73 -30.29 -14.43
N PHE C 267 -1.83 -29.75 -14.93
CA PHE C 267 -2.68 -30.47 -15.87
C PHE C 267 -2.29 -30.11 -17.29
N ASP C 268 -2.59 -31.03 -18.22
CA ASP C 268 -2.36 -30.81 -19.63
C ASP C 268 -3.67 -30.92 -20.39
N LEU C 269 -3.88 -30.03 -21.35
CA LEU C 269 -5.15 -29.97 -22.05
C LEU C 269 -5.28 -31.11 -23.05
N ARG C 270 -4.21 -31.43 -23.77
CA ARG C 270 -4.30 -32.45 -24.81
C ARG C 270 -4.62 -33.81 -24.21
N ALA C 271 -3.84 -34.24 -23.21
CA ALA C 271 -4.10 -35.51 -22.56
C ALA C 271 -5.24 -35.43 -21.55
N ASP C 272 -5.65 -34.22 -21.18
CA ASP C 272 -6.84 -34.02 -20.35
C ASP C 272 -6.75 -34.75 -19.02
N GLN C 273 -5.58 -34.71 -18.39
CA GLN C 273 -5.42 -35.30 -17.08
C GLN C 273 -4.25 -34.67 -16.37
N GLU C 274 -4.23 -34.82 -15.05
CA GLU C 274 -3.11 -34.34 -14.25
C GLU C 274 -1.81 -34.99 -14.70
N LEU C 275 -0.76 -34.20 -14.80
CA LEU C 275 0.57 -34.70 -15.16
C LEU C 275 1.44 -34.97 -13.94
N MET C 276 1.42 -34.07 -12.96
CA MET C 276 2.29 -34.21 -11.80
C MET C 276 1.91 -33.12 -10.81
N THR C 277 2.47 -33.22 -9.61
CA THR C 277 2.09 -32.38 -8.48
C THR C 277 3.35 -31.91 -7.76
N TYR C 278 3.29 -30.69 -7.23
CA TYR C 278 4.42 -30.06 -6.56
C TYR C 278 4.06 -29.88 -5.10
N SER C 279 4.29 -30.93 -4.31
CA SER C 279 4.06 -30.90 -2.87
C SER C 279 5.35 -31.27 -2.16
N HIS C 280 5.72 -30.48 -1.16
CA HIS C 280 6.91 -30.73 -0.36
C HIS C 280 6.48 -30.83 1.10
N ASP C 281 7.01 -31.84 1.79
CA ASP C 281 6.42 -32.28 3.06
C ASP C 281 6.34 -31.14 4.08
N ASN C 282 7.35 -30.27 4.11
CA ASN C 282 7.39 -29.24 5.15
C ASN C 282 6.55 -28.02 4.81
N ILE C 283 5.62 -28.13 3.86
CA ILE C 283 4.72 -27.05 3.50
C ILE C 283 3.30 -27.56 3.72
N ILE C 284 2.53 -26.83 4.53
CA ILE C 284 1.17 -27.23 4.89
C ILE C 284 0.23 -26.06 4.68
N CYS C 285 0.67 -25.08 3.90
CA CYS C 285 -0.03 -23.82 3.74
C CYS C 285 -0.57 -23.68 2.32
N GLY C 286 -1.74 -23.08 2.18
CA GLY C 286 -2.37 -22.98 0.88
C GLY C 286 -1.65 -22.00 -0.04
N ILE C 287 -1.79 -22.26 -1.35
CA ILE C 287 -1.25 -21.34 -2.35
C ILE C 287 -2.10 -20.09 -2.41
N THR C 288 -1.55 -19.04 -3.03
CA THR C 288 -2.31 -17.85 -3.36
C THR C 288 -2.10 -17.36 -4.79
N SER C 289 -1.02 -17.76 -5.45
CA SER C 289 -0.77 -17.35 -6.82
C SER C 289 0.15 -18.38 -7.47
N VAL C 290 0.07 -18.47 -8.79
CA VAL C 290 0.92 -19.36 -9.57
C VAL C 290 1.25 -18.67 -10.88
N SER C 291 2.48 -18.85 -11.35
CA SER C 291 2.90 -18.26 -12.62
C SER C 291 4.05 -19.07 -13.17
N PHE C 292 4.26 -18.94 -14.48
CA PHE C 292 5.32 -19.62 -15.19
C PHE C 292 6.39 -18.63 -15.61
N SER C 293 7.57 -19.16 -15.93
CA SER C 293 8.57 -18.38 -16.64
C SER C 293 8.24 -18.37 -18.13
N LYS C 294 8.78 -17.37 -18.83
CA LYS C 294 8.47 -17.24 -20.26
C LYS C 294 8.83 -18.52 -21.00
N SER C 295 9.82 -19.26 -20.54
CA SER C 295 10.15 -20.55 -21.13
C SER C 295 9.26 -21.68 -20.60
N GLY C 296 8.54 -21.45 -19.51
CA GLY C 296 7.68 -22.45 -18.94
C GLY C 296 8.38 -23.50 -18.10
N ARG C 297 9.70 -23.42 -17.96
CA ARG C 297 10.42 -24.44 -17.21
C ARG C 297 10.16 -24.30 -15.71
N LEU C 298 10.54 -23.16 -15.14
CA LEU C 298 10.39 -22.96 -13.70
C LEU C 298 9.04 -22.32 -13.42
N LEU C 299 8.40 -22.80 -12.35
CA LEU C 299 7.03 -22.43 -11.99
C LEU C 299 7.06 -21.67 -10.67
N LEU C 300 6.73 -20.38 -10.73
CA LEU C 300 6.56 -19.61 -9.50
C LEU C 300 5.31 -20.09 -8.77
N ALA C 301 5.29 -19.83 -7.46
CA ALA C 301 4.14 -20.24 -6.64
C ALA C 301 4.17 -19.43 -5.36
N GLY C 302 3.14 -18.61 -5.14
CA GLY C 302 3.09 -17.76 -3.98
C GLY C 302 2.47 -18.42 -2.77
N TYR C 303 3.31 -18.95 -1.88
CA TYR C 303 2.82 -19.56 -0.66
C TYR C 303 2.54 -18.48 0.38
N ASP C 304 1.52 -18.72 1.21
CA ASP C 304 1.20 -17.83 2.31
C ASP C 304 1.99 -18.13 3.59
N ASP C 305 3.11 -18.86 3.47
CA ASP C 305 4.16 -18.84 4.48
C ASP C 305 5.10 -17.66 4.33
N PHE C 306 4.63 -16.58 3.71
CA PHE C 306 5.30 -15.29 3.61
C PHE C 306 6.36 -15.32 2.52
N ASN C 307 6.41 -16.37 1.71
CA ASN C 307 7.40 -16.49 0.66
C ASN C 307 6.84 -17.33 -0.48
N CYS C 308 7.42 -17.16 -1.66
CA CYS C 308 7.02 -17.94 -2.83
C CYS C 308 8.16 -18.86 -3.24
N ASN C 309 7.83 -20.13 -3.46
CA ASN C 309 8.81 -21.15 -3.80
C ASN C 309 8.86 -21.32 -5.31
N VAL C 310 10.03 -21.08 -5.89
CA VAL C 310 10.23 -21.28 -7.33
C VAL C 310 10.49 -22.76 -7.56
N TRP C 311 9.54 -23.44 -8.20
CA TRP C 311 9.62 -24.86 -8.48
C TRP C 311 10.33 -25.08 -9.81
N ASP C 312 10.28 -26.32 -10.30
CA ASP C 312 10.82 -26.68 -11.61
C ASP C 312 9.76 -27.55 -12.27
N ALA C 313 8.98 -26.97 -13.19
CA ALA C 313 7.82 -27.68 -13.69
C ALA C 313 8.19 -28.71 -14.73
N LEU C 314 9.20 -29.53 -14.43
CA LEU C 314 9.45 -30.78 -15.14
C LEU C 314 9.83 -31.93 -14.22
N LYS C 315 10.30 -31.65 -13.00
CA LYS C 315 10.72 -32.69 -12.07
C LYS C 315 10.19 -32.51 -10.66
N ALA C 316 9.50 -31.41 -10.37
CA ALA C 316 8.90 -31.15 -9.07
C ALA C 316 9.92 -30.75 -8.02
N ASP C 317 11.20 -30.82 -8.35
CA ASP C 317 12.24 -30.47 -7.38
C ASP C 317 12.30 -28.96 -7.23
N ARG C 318 12.07 -28.48 -6.01
CA ARG C 318 12.08 -27.04 -5.78
C ARG C 318 13.42 -26.44 -6.19
N ALA C 319 13.37 -25.28 -6.83
CA ALA C 319 14.56 -24.64 -7.37
C ALA C 319 14.97 -23.38 -6.63
N GLY C 320 14.10 -22.82 -5.78
CA GLY C 320 14.51 -21.68 -4.98
C GLY C 320 13.36 -21.20 -4.13
N VAL C 321 13.65 -20.16 -3.34
CA VAL C 321 12.66 -19.52 -2.47
C VAL C 321 12.94 -18.03 -2.46
N LEU C 322 11.93 -17.23 -2.78
CA LEU C 322 12.05 -15.77 -2.77
C LEU C 322 11.52 -15.21 -1.44
N ALA C 323 12.11 -15.67 -0.34
CA ALA C 323 11.63 -15.30 0.99
C ALA C 323 12.10 -13.88 1.29
N GLY C 324 11.23 -12.90 1.04
CA GLY C 324 11.55 -11.52 1.33
C GLY C 324 10.36 -10.70 1.79
N HIS C 325 9.23 -11.35 2.03
CA HIS C 325 7.98 -10.68 2.36
C HIS C 325 7.65 -10.88 3.83
N ASP C 326 7.18 -9.81 4.49
CA ASP C 326 6.80 -9.90 5.89
C ASP C 326 5.48 -10.62 6.09
N ASN C 327 4.54 -10.49 5.16
CA ASN C 327 3.23 -11.09 5.27
C ASN C 327 2.95 -11.96 4.04
N ARG C 328 1.78 -12.59 4.04
CA ARG C 328 1.42 -13.52 2.99
C ARG C 328 1.53 -12.86 1.63
N VAL C 329 2.11 -13.59 0.67
CA VAL C 329 2.14 -13.13 -0.73
C VAL C 329 0.80 -13.49 -1.35
N SER C 330 0.03 -12.46 -1.73
CA SER C 330 -1.31 -12.67 -2.24
C SER C 330 -1.42 -12.51 -3.75
N CYS C 331 -0.42 -11.91 -4.39
CA CYS C 331 -0.44 -11.73 -5.83
C CYS C 331 0.95 -12.01 -6.39
N LEU C 332 0.99 -12.53 -7.61
CA LEU C 332 2.25 -12.88 -8.24
C LEU C 332 2.10 -12.75 -9.75
N GLY C 333 3.16 -12.32 -10.41
CA GLY C 333 3.12 -12.20 -11.86
C GLY C 333 4.48 -12.14 -12.51
N VAL C 334 4.69 -12.96 -13.53
CA VAL C 334 5.93 -12.95 -14.30
C VAL C 334 5.73 -12.07 -15.53
N THR C 335 6.67 -11.15 -15.74
CA THR C 335 6.57 -10.22 -16.86
C THR C 335 6.35 -10.96 -18.17
N ASP C 336 5.81 -10.27 -19.18
CA ASP C 336 5.52 -10.92 -20.44
C ASP C 336 6.81 -11.43 -21.10
N ASP C 337 7.88 -10.65 -21.02
CA ASP C 337 9.17 -11.04 -21.58
C ASP C 337 9.98 -11.90 -20.64
N GLY C 338 9.46 -12.20 -19.44
CA GLY C 338 10.15 -13.09 -18.52
C GLY C 338 11.32 -12.47 -17.79
N MET C 339 11.53 -11.17 -17.90
CA MET C 339 12.71 -10.54 -17.32
C MET C 339 12.62 -10.37 -15.81
N ALA C 340 11.41 -10.40 -15.23
CA ALA C 340 11.27 -10.19 -13.80
C ALA C 340 9.96 -10.81 -13.34
N VAL C 341 9.88 -11.05 -12.03
CA VAL C 341 8.70 -11.60 -11.39
C VAL C 341 8.35 -10.70 -10.20
N ALA C 342 7.13 -10.19 -10.18
CA ALA C 342 6.69 -9.30 -9.11
C ALA C 342 5.76 -10.05 -8.17
N THR C 343 6.06 -9.99 -6.89
CA THR C 343 5.26 -10.64 -5.85
C THR C 343 4.76 -9.58 -4.89
N GLY C 344 3.45 -9.55 -4.66
CA GLY C 344 2.85 -8.61 -3.74
C GLY C 344 2.16 -9.29 -2.58
N SER C 345 2.46 -8.82 -1.38
CA SER C 345 2.04 -9.47 -0.14
C SER C 345 1.21 -8.52 0.71
N TRP C 346 0.53 -9.09 1.69
CA TRP C 346 -0.39 -8.34 2.55
C TRP C 346 0.33 -7.30 3.41
N ASP C 347 1.65 -7.18 3.33
CA ASP C 347 2.37 -6.15 4.07
C ASP C 347 2.40 -4.81 3.34
N SER C 348 1.70 -4.70 2.22
CA SER C 348 1.57 -3.49 1.41
C SER C 348 2.78 -3.25 0.53
N PHE C 349 3.82 -4.09 0.60
CA PHE C 349 4.99 -3.96 -0.25
C PHE C 349 4.97 -5.07 -1.28
N LEU C 350 5.13 -4.70 -2.56
CA LEU C 350 5.31 -5.67 -3.62
C LEU C 350 6.71 -5.48 -4.19
N LYS C 351 7.42 -6.60 -4.35
CA LYS C 351 8.83 -6.59 -4.72
C LYS C 351 9.02 -7.22 -6.10
N ILE C 352 9.96 -6.69 -6.85
CA ILE C 352 10.35 -7.23 -8.16
C ILE C 352 11.61 -8.04 -7.99
N TRP C 353 11.62 -9.26 -8.51
CA TRP C 353 12.77 -10.15 -8.44
C TRP C 353 13.23 -10.46 -9.85
N ASN C 354 14.52 -10.77 -9.98
CA ASN C 354 15.09 -11.04 -11.28
C ASN C 354 16.26 -12.02 -11.18
N ILE D 9 -33.15 -32.22 -11.71
CA ILE D 9 -34.09 -31.88 -12.77
C ILE D 9 -33.33 -31.39 -14.00
N ALA D 10 -33.77 -30.28 -14.61
CA ALA D 10 -33.13 -29.80 -15.84
C ALA D 10 -31.63 -29.67 -15.66
N GLN D 11 -31.18 -29.21 -14.50
CA GLN D 11 -29.75 -29.15 -14.23
C GLN D 11 -29.10 -30.52 -14.37
N ALA D 12 -29.81 -31.58 -13.98
CA ALA D 12 -29.29 -32.92 -14.15
C ALA D 12 -29.13 -33.26 -15.63
N ARG D 13 -30.10 -32.87 -16.45
CA ARG D 13 -29.96 -33.08 -17.89
C ARG D 13 -28.76 -32.33 -18.44
N LYS D 14 -28.57 -31.09 -18.01
CA LYS D 14 -27.40 -30.33 -18.47
C LYS D 14 -26.11 -31.00 -18.05
N LEU D 15 -26.04 -31.49 -16.81
CA LEU D 15 -24.83 -32.15 -16.34
C LEU D 15 -24.54 -33.41 -17.14
N VAL D 16 -25.56 -34.24 -17.38
CA VAL D 16 -25.32 -35.46 -18.14
C VAL D 16 -24.91 -35.13 -19.57
N GLU D 17 -25.52 -34.10 -20.16
CA GLU D 17 -25.15 -33.71 -21.52
C GLU D 17 -23.71 -33.24 -21.59
N GLN D 18 -23.28 -32.41 -20.62
CA GLN D 18 -21.91 -31.91 -20.66
C GLN D 18 -20.91 -33.03 -20.41
N LEU D 19 -21.23 -33.97 -19.51
CA LEU D 19 -20.36 -35.12 -19.32
C LEU D 19 -20.28 -35.96 -20.59
N LYS D 20 -21.42 -36.16 -21.27
CA LYS D 20 -21.40 -36.90 -22.53
C LYS D 20 -20.47 -36.25 -23.54
N MET D 21 -20.64 -34.94 -23.78
CA MET D 21 -19.80 -34.28 -24.76
C MET D 21 -18.35 -34.23 -24.32
N GLU D 22 -18.09 -34.30 -23.01
CA GLU D 22 -16.71 -34.37 -22.54
C GLU D 22 -16.10 -35.73 -22.81
N ALA D 23 -16.89 -36.81 -22.70
CA ALA D 23 -16.36 -38.14 -22.93
C ALA D 23 -15.87 -38.30 -24.36
N ASN D 24 -16.64 -37.81 -25.33
CA ASN D 24 -16.28 -37.94 -26.75
C ASN D 24 -15.29 -36.83 -27.12
N ILE D 25 -14.07 -36.99 -26.63
CA ILE D 25 -12.98 -36.05 -26.88
C ILE D 25 -11.71 -36.84 -27.18
N ASP D 26 -10.98 -36.41 -28.20
CA ASP D 26 -9.73 -37.05 -28.55
C ASP D 26 -8.75 -36.96 -27.38
N ARG D 27 -8.13 -38.08 -27.05
CA ARG D 27 -7.22 -38.18 -25.91
C ARG D 27 -5.90 -38.76 -26.37
N ILE D 28 -4.81 -38.05 -26.09
CA ILE D 28 -3.47 -38.50 -26.45
C ILE D 28 -2.79 -39.05 -25.21
N LYS D 29 -1.84 -39.95 -25.43
CA LYS D 29 -1.12 -40.56 -24.32
C LYS D 29 -0.29 -39.51 -23.60
N VAL D 30 -0.13 -39.70 -22.28
CA VAL D 30 0.63 -38.75 -21.49
C VAL D 30 2.05 -38.63 -22.00
N SER D 31 2.56 -39.67 -22.66
CA SER D 31 3.91 -39.61 -23.19
C SER D 31 4.05 -38.47 -24.19
N LYS D 32 3.08 -38.33 -25.10
CA LYS D 32 3.16 -37.29 -26.11
C LYS D 32 3.11 -35.90 -25.50
N ALA D 33 2.18 -35.69 -24.56
CA ALA D 33 2.07 -34.38 -23.93
C ALA D 33 3.32 -34.04 -23.12
N ALA D 34 3.85 -35.01 -22.39
CA ALA D 34 5.07 -34.78 -21.63
C ALA D 34 6.23 -34.45 -22.56
N ALA D 35 6.35 -35.19 -23.66
CA ALA D 35 7.43 -34.91 -24.62
C ALA D 35 7.27 -33.52 -25.21
N ASP D 36 6.03 -33.12 -25.53
CA ASP D 36 5.81 -31.79 -26.07
C ASP D 36 6.19 -30.70 -25.06
N LEU D 37 5.83 -30.90 -23.79
CA LEU D 37 6.22 -29.92 -22.77
C LEU D 37 7.73 -29.85 -22.62
N MET D 38 8.39 -31.01 -22.61
CA MET D 38 9.85 -31.01 -22.50
C MET D 38 10.49 -30.31 -23.69
N ALA D 39 10.00 -30.59 -24.90
CA ALA D 39 10.55 -29.96 -26.09
C ALA D 39 10.33 -28.46 -26.06
N TYR D 40 9.15 -28.02 -25.63
CA TYR D 40 8.90 -26.58 -25.55
C TYR D 40 9.83 -25.92 -24.54
N CYS D 41 10.01 -26.54 -23.38
CA CYS D 41 10.93 -25.98 -22.39
C CYS D 41 12.34 -25.90 -22.95
N GLU D 42 12.79 -26.96 -23.64
CA GLU D 42 14.14 -26.97 -24.18
C GLU D 42 14.33 -25.90 -25.25
N ALA D 43 13.35 -25.76 -26.15
CA ALA D 43 13.50 -24.83 -27.27
C ALA D 43 13.60 -23.39 -26.79
N HIS D 44 12.88 -23.03 -25.73
CA HIS D 44 12.88 -21.68 -25.22
C HIS D 44 13.68 -21.54 -23.93
N ALA D 45 14.51 -22.53 -23.60
CA ALA D 45 15.29 -22.46 -22.37
C ALA D 45 16.25 -21.28 -22.40
N LYS D 46 16.90 -21.05 -23.53
CA LYS D 46 17.89 -19.98 -23.63
C LYS D 46 17.26 -18.59 -23.61
N GLU D 47 15.94 -18.49 -23.77
CA GLU D 47 15.26 -17.21 -23.81
C GLU D 47 14.43 -16.95 -22.55
N ASP D 48 14.80 -17.56 -21.43
CA ASP D 48 14.13 -17.33 -20.15
C ASP D 48 15.09 -16.63 -19.20
N PRO D 49 14.97 -15.32 -19.02
CA PRO D 49 15.93 -14.63 -18.13
C PRO D 49 15.97 -15.20 -16.72
N LEU D 50 14.82 -15.61 -16.17
CA LEU D 50 14.82 -16.17 -14.82
C LEU D 50 15.60 -17.47 -14.77
N LEU D 51 15.38 -18.36 -15.73
CA LEU D 51 16.11 -19.62 -15.76
C LEU D 51 17.60 -19.38 -15.96
N THR D 52 17.96 -18.62 -16.98
CA THR D 52 19.35 -18.30 -17.27
C THR D 52 19.60 -16.85 -16.92
N PRO D 53 20.33 -16.53 -15.83
CA PRO D 53 20.52 -15.12 -15.47
C PRO D 53 21.28 -14.36 -16.53
N VAL D 54 20.62 -13.43 -17.20
CA VAL D 54 21.24 -12.63 -18.27
C VAL D 54 22.24 -11.69 -17.63
N PRO D 55 23.27 -11.25 -18.36
CA PRO D 55 24.25 -10.33 -17.78
C PRO D 55 23.60 -9.03 -17.35
N ALA D 56 24.16 -8.42 -16.29
CA ALA D 56 23.58 -7.20 -15.75
C ALA D 56 23.54 -6.08 -16.78
N SER D 57 24.37 -6.14 -17.82
CA SER D 57 24.32 -5.12 -18.86
C SER D 57 22.97 -5.14 -19.58
N GLU D 58 22.46 -6.32 -19.90
CA GLU D 58 21.18 -6.47 -20.59
C GLU D 58 20.02 -6.70 -19.64
N ASN D 59 20.17 -6.31 -18.38
CA ASN D 59 19.14 -6.49 -17.37
C ASN D 59 18.50 -5.15 -17.06
N PRO D 60 17.25 -4.91 -17.44
CA PRO D 60 16.65 -3.59 -17.16
C PRO D 60 16.58 -3.27 -15.69
N PHE D 61 16.53 -4.27 -14.82
CA PHE D 61 16.53 -4.07 -13.37
C PHE D 61 17.97 -4.19 -12.86
N ARG D 62 18.37 -3.25 -12.01
CA ARG D 62 19.71 -3.24 -11.46
C ARG D 62 19.73 -2.58 -10.08
N VAL E 1 -11.39 19.74 -23.71
CA VAL E 1 -10.30 20.51 -23.14
C VAL E 1 -10.19 21.85 -23.83
N GLN E 2 -9.94 22.90 -23.05
CA GLN E 2 -9.87 24.24 -23.61
C GLN E 2 -8.99 25.11 -22.72
N LEU E 3 -8.15 25.93 -23.36
CA LEU E 3 -7.34 26.93 -22.68
C LEU E 3 -7.63 28.27 -23.33
N VAL E 4 -8.11 29.22 -22.54
CA VAL E 4 -8.44 30.56 -23.02
C VAL E 4 -7.54 31.56 -22.31
N GLU E 5 -6.88 32.41 -23.08
CA GLU E 5 -5.87 33.32 -22.56
C GLU E 5 -6.32 34.76 -22.74
N SER E 6 -5.91 35.61 -21.80
CA SER E 6 -6.28 37.02 -21.83
C SER E 6 -5.19 37.84 -21.16
N GLY E 7 -5.19 39.14 -21.45
CA GLY E 7 -4.23 40.04 -20.85
C GLY E 7 -3.23 40.61 -21.83
N GLY E 8 -3.66 40.78 -23.08
CA GLY E 8 -2.78 41.33 -24.11
C GLY E 8 -3.17 42.73 -24.53
N GLY E 9 -2.25 43.68 -24.38
CA GLY E 9 -2.52 45.06 -24.73
C GLY E 9 -1.25 45.79 -25.11
N LEU E 10 -1.42 47.03 -25.54
CA LEU E 10 -0.31 47.88 -25.98
C LEU E 10 0.42 48.42 -24.75
N VAL E 11 1.20 47.55 -24.12
CA VAL E 11 1.92 47.93 -22.92
C VAL E 11 3.07 48.85 -23.29
N GLN E 12 3.22 49.94 -22.55
CA GLN E 12 4.34 50.84 -22.76
C GLN E 12 5.65 50.11 -22.42
N PRO E 13 6.72 50.30 -23.20
CA PRO E 13 7.96 49.59 -22.90
C PRO E 13 8.46 49.91 -21.50
N GLY E 14 8.98 48.89 -20.83
CA GLY E 14 9.43 49.02 -19.47
C GLY E 14 8.34 48.94 -18.43
N GLY E 15 7.10 48.69 -18.83
CA GLY E 15 5.99 48.62 -17.91
C GLY E 15 5.81 47.24 -17.33
N SER E 16 4.58 46.94 -16.91
CA SER E 16 4.24 45.66 -16.33
C SER E 16 2.88 45.21 -16.86
N ARG E 17 2.66 43.90 -16.85
CA ARG E 17 1.41 43.33 -17.33
C ARG E 17 1.24 41.95 -16.71
N LYS E 18 0.00 41.48 -16.74
CA LYS E 18 -0.34 40.15 -16.26
C LYS E 18 -1.09 39.40 -17.34
N LEU E 19 -0.76 38.13 -17.50
CA LEU E 19 -1.38 37.26 -18.50
C LEU E 19 -2.06 36.10 -17.80
N SER E 20 -3.34 35.88 -18.10
CA SER E 20 -4.15 34.87 -17.45
C SER E 20 -4.50 33.77 -18.45
N CYS E 21 -4.38 32.53 -18.00
CA CYS E 21 -4.74 31.34 -18.76
C CYS E 21 -5.77 30.55 -17.96
N SER E 22 -7.02 30.54 -18.44
CA SER E 22 -8.09 29.79 -17.80
C SER E 22 -8.24 28.45 -18.50
N ALA E 23 -8.28 27.39 -17.70
CA ALA E 23 -8.33 26.02 -18.20
C ALA E 23 -9.67 25.40 -17.87
N SER E 24 -10.29 24.77 -18.86
CA SER E 24 -11.57 24.09 -18.68
C SER E 24 -11.50 22.72 -19.34
N GLY E 25 -12.31 21.79 -18.82
CA GLY E 25 -12.36 20.45 -19.35
C GLY E 25 -11.46 19.47 -18.63
N PHE E 26 -10.16 19.72 -18.65
CA PHE E 26 -9.20 18.77 -18.08
C PHE E 26 -8.86 19.12 -16.64
N ALA E 27 -8.26 18.15 -15.95
CA ALA E 27 -7.87 18.30 -14.55
C ALA E 27 -6.62 19.17 -14.49
N PHE E 28 -6.86 20.48 -14.49
CA PHE E 28 -5.76 21.43 -14.54
C PHE E 28 -4.78 21.25 -13.38
N SER E 29 -5.25 20.71 -12.26
CA SER E 29 -4.38 20.55 -11.10
C SER E 29 -3.23 19.61 -11.39
N SER E 30 -3.48 18.51 -12.09
CA SER E 30 -2.46 17.50 -12.34
C SER E 30 -1.57 17.83 -13.53
N PHE E 31 -1.91 18.86 -14.31
CA PHE E 31 -1.20 19.17 -15.53
C PHE E 31 -0.17 20.27 -15.28
N GLY E 32 1.10 19.97 -15.51
CA GLY E 32 2.08 21.02 -15.61
C GLY E 32 1.77 21.94 -16.78
N MET E 33 2.19 23.20 -16.67
CA MET E 33 1.84 24.20 -17.66
C MET E 33 3.06 24.99 -18.08
N HIS E 34 3.25 25.16 -19.38
CA HIS E 34 4.29 26.00 -19.93
C HIS E 34 3.67 27.25 -20.55
N TRP E 35 4.45 28.32 -20.56
CA TRP E 35 4.16 29.50 -21.35
C TRP E 35 5.22 29.59 -22.43
N VAL E 36 4.79 29.71 -23.69
CA VAL E 36 5.68 29.69 -24.84
C VAL E 36 5.30 30.86 -25.74
N ARG E 37 6.23 31.78 -25.96
CA ARG E 37 5.88 32.93 -26.78
C ARG E 37 6.27 32.67 -28.23
N GLN E 38 5.90 33.63 -29.09
CA GLN E 38 6.22 33.55 -30.51
C GLN E 38 6.18 34.96 -31.06
N ALA E 39 7.28 35.42 -31.62
CA ALA E 39 7.34 36.75 -32.18
C ALA E 39 6.41 36.83 -33.40
N PRO E 40 6.04 38.05 -33.82
CA PRO E 40 5.10 38.16 -34.95
C PRO E 40 5.58 37.47 -36.21
N GLU E 41 6.89 37.42 -36.44
CA GLU E 41 7.45 36.80 -37.62
C GLU E 41 8.36 35.63 -37.33
N LYS E 42 9.02 35.60 -36.17
CA LYS E 42 9.95 34.53 -35.85
C LYS E 42 9.20 33.29 -35.40
N GLY E 43 9.95 32.24 -35.07
CA GLY E 43 9.37 30.99 -34.63
C GLY E 43 9.12 30.97 -33.13
N LEU E 44 8.60 29.84 -32.67
CA LEU E 44 8.27 29.68 -31.26
C LEU E 44 9.52 29.89 -30.40
N GLU E 45 9.28 30.03 -29.10
CA GLU E 45 10.36 30.24 -28.14
C GLU E 45 9.85 30.03 -26.73
N TRP E 46 10.56 29.22 -25.95
CA TRP E 46 10.13 28.89 -24.60
C TRP E 46 10.21 30.11 -23.70
N VAL E 47 9.29 30.18 -22.73
CA VAL E 47 9.22 31.34 -21.84
C VAL E 47 9.30 30.90 -20.38
N ALA E 48 8.40 30.01 -19.95
CA ALA E 48 8.36 29.64 -18.55
C ALA E 48 7.65 28.32 -18.39
N TYR E 49 7.82 27.71 -17.21
CA TYR E 49 7.22 26.41 -16.93
C TYR E 49 6.95 26.26 -15.44
N ILE E 50 5.79 25.68 -15.12
CA ILE E 50 5.43 25.29 -13.76
C ILE E 50 5.05 23.82 -13.78
N SER E 51 5.53 23.07 -12.79
CA SER E 51 5.17 21.67 -12.67
C SER E 51 3.80 21.55 -11.99
N SER E 52 3.40 20.32 -11.69
CA SER E 52 2.14 20.10 -10.99
C SER E 52 2.31 20.44 -9.52
N GLY E 53 1.38 21.22 -8.98
CA GLY E 53 1.48 21.67 -7.60
C GLY E 53 2.49 22.78 -7.38
N SER E 54 3.03 23.37 -8.44
CA SER E 54 4.00 24.45 -8.34
C SER E 54 5.27 24.02 -7.60
N GLY E 55 5.55 22.72 -7.58
CA GLY E 55 6.75 22.25 -6.90
C GLY E 55 8.02 22.77 -7.53
N THR E 56 8.04 22.88 -8.86
CA THR E 56 9.22 23.31 -9.59
C THR E 56 8.81 24.34 -10.64
N ILE E 57 9.64 25.37 -10.80
CA ILE E 57 9.41 26.41 -11.78
C ILE E 57 10.70 26.66 -12.53
N TYR E 58 10.61 26.87 -13.84
CA TYR E 58 11.76 27.18 -14.67
C TYR E 58 11.44 28.36 -15.57
N TYR E 59 12.47 29.12 -15.91
CA TYR E 59 12.33 30.27 -16.81
C TYR E 59 13.42 30.22 -17.87
N ALA E 60 13.12 30.78 -19.03
CA ALA E 60 14.13 30.94 -20.07
C ALA E 60 15.17 31.96 -19.62
N ASP E 61 16.41 31.76 -20.07
CA ASP E 61 17.50 32.62 -19.63
C ASP E 61 17.27 34.08 -20.00
N THR E 62 16.43 34.37 -20.99
CA THR E 62 16.20 35.73 -21.44
C THR E 62 15.04 36.41 -20.74
N VAL E 63 14.32 35.70 -19.88
CA VAL E 63 13.23 36.31 -19.10
C VAL E 63 13.36 35.93 -17.63
N LYS E 64 14.52 35.40 -17.25
CA LYS E 64 14.72 35.01 -15.86
C LYS E 64 14.58 36.23 -14.96
N GLY E 65 13.84 36.07 -13.87
CA GLY E 65 13.62 37.17 -12.94
C GLY E 65 12.60 38.19 -13.38
N ARG E 66 12.66 38.63 -14.64
CA ARG E 66 11.70 39.63 -15.12
C ARG E 66 10.28 39.09 -15.08
N PHE E 67 10.08 37.86 -15.54
CA PHE E 67 8.76 37.25 -15.59
C PHE E 67 8.63 36.29 -14.41
N THR E 68 7.57 36.45 -13.63
CA THR E 68 7.26 35.53 -12.55
C THR E 68 5.98 34.79 -12.90
N ILE E 69 6.03 33.46 -12.87
CA ILE E 69 4.95 32.60 -13.32
C ILE E 69 4.38 31.87 -12.12
N SER E 70 3.06 31.90 -11.97
CA SER E 70 2.39 31.26 -10.84
C SER E 70 1.12 30.60 -11.35
N ARG E 71 0.48 29.82 -10.47
CA ARG E 71 -0.75 29.15 -10.82
C ARG E 71 -1.64 29.06 -9.59
N ASP E 72 -2.94 28.95 -9.83
CA ASP E 72 -3.93 28.70 -8.78
C ASP E 72 -4.88 27.60 -9.26
N ASP E 73 -4.70 26.40 -8.69
CA ASP E 73 -5.55 25.28 -9.08
C ASP E 73 -7.00 25.50 -8.68
N PRO E 74 -7.32 25.92 -7.46
CA PRO E 74 -8.74 26.05 -7.10
C PRO E 74 -9.52 26.94 -8.04
N LYS E 75 -8.91 28.03 -8.52
CA LYS E 75 -9.52 28.87 -9.54
C LYS E 75 -9.23 28.37 -10.95
N ASN E 76 -8.40 27.35 -11.10
CA ASN E 76 -8.03 26.81 -12.40
C ASN E 76 -7.53 27.92 -13.32
N THR E 77 -6.42 28.54 -12.92
CA THR E 77 -5.84 29.60 -13.73
C THR E 77 -4.33 29.59 -13.60
N LEU E 78 -3.68 30.11 -14.63
CA LEU E 78 -2.22 30.21 -14.71
C LEU E 78 -1.86 31.65 -15.02
N PHE E 79 -1.10 32.28 -14.13
CA PHE E 79 -0.76 33.70 -14.26
C PHE E 79 0.71 33.86 -14.62
N LEU E 80 0.98 34.81 -15.51
CA LEU E 80 2.35 35.22 -15.82
C LEU E 80 2.42 36.73 -15.62
N GLN E 81 3.07 37.17 -14.55
CA GLN E 81 3.27 38.58 -14.26
C GLN E 81 4.63 38.99 -14.80
N MET E 82 4.62 39.83 -15.82
CA MET E 82 5.83 40.19 -16.54
C MET E 82 6.10 41.68 -16.44
N THR E 83 7.33 42.03 -16.07
CA THR E 83 7.71 43.40 -15.76
C THR E 83 8.87 43.84 -16.64
N SER E 84 8.96 45.15 -16.87
CA SER E 84 10.04 45.73 -17.67
C SER E 84 10.03 45.13 -19.08
N LEU E 85 8.94 45.39 -19.80
CA LEU E 85 8.72 44.83 -21.13
C LEU E 85 9.57 45.59 -22.14
N ARG E 86 10.71 45.03 -22.50
CA ARG E 86 11.49 45.59 -23.60
C ARG E 86 10.79 45.29 -24.92
N SER E 87 11.29 45.92 -25.98
CA SER E 87 10.67 45.79 -27.30
C SER E 87 10.75 44.38 -27.85
N GLU E 88 11.58 43.51 -27.27
CA GLU E 88 11.75 42.16 -27.77
C GLU E 88 10.66 41.20 -27.32
N ASP E 89 9.72 41.65 -26.48
CA ASP E 89 8.65 40.80 -25.97
C ASP E 89 7.31 41.08 -26.67
N THR E 90 7.34 41.68 -27.86
CA THR E 90 6.13 41.95 -28.61
C THR E 90 5.64 40.69 -29.32
N ALA E 91 5.41 39.65 -28.52
CA ALA E 91 5.14 38.32 -29.00
C ALA E 91 3.79 37.82 -28.51
N MET E 92 3.16 36.97 -29.32
CA MET E 92 1.95 36.29 -28.91
C MET E 92 2.32 35.09 -28.04
N TYR E 93 1.62 34.94 -26.91
CA TYR E 93 1.98 33.95 -25.91
C TYR E 93 0.95 32.82 -25.91
N TYR E 94 1.43 31.58 -25.96
CA TYR E 94 0.60 30.39 -25.90
C TYR E 94 0.76 29.71 -24.55
N CYS E 95 -0.33 29.11 -24.09
CA CYS E 95 -0.42 28.42 -22.82
C CYS E 95 -0.50 26.94 -23.13
N VAL E 96 0.57 26.21 -22.84
CA VAL E 96 0.75 24.84 -23.31
C VAL E 96 0.57 23.87 -22.15
N ARG E 97 -0.33 22.91 -22.32
CA ARG E 97 -0.50 21.85 -21.34
C ARG E 97 0.67 20.89 -21.41
N SER E 98 0.92 20.18 -20.32
CA SER E 98 1.95 19.14 -20.34
C SER E 98 1.87 18.25 -19.11
N ILE E 99 1.78 16.93 -19.32
CA ILE E 99 1.73 15.96 -18.24
C ILE E 99 2.89 15.01 -18.40
N TYR E 100 3.64 14.80 -17.32
CA TYR E 100 4.88 14.03 -17.36
C TYR E 100 4.70 12.73 -16.58
N TYR E 101 4.48 11.64 -17.31
CA TYR E 101 4.53 10.29 -16.76
C TYR E 101 4.90 9.36 -17.88
N TYR E 102 5.37 8.16 -17.51
CA TYR E 102 5.84 7.22 -18.51
C TYR E 102 4.81 7.03 -19.61
N GLY E 103 5.21 7.33 -20.85
CA GLY E 103 4.30 7.22 -21.97
C GLY E 103 3.30 8.33 -22.08
N SER E 104 3.58 9.50 -21.51
CA SER E 104 2.66 10.63 -21.56
C SER E 104 2.78 11.35 -22.89
N SER E 105 2.01 12.42 -23.04
CA SER E 105 1.99 13.23 -24.26
C SER E 105 2.17 14.70 -23.88
N PRO E 106 3.37 15.07 -23.45
CA PRO E 106 3.60 16.47 -23.04
C PRO E 106 3.44 17.43 -24.21
N PHE E 107 3.06 18.66 -23.89
CA PHE E 107 2.83 19.71 -24.87
C PHE E 107 1.68 19.37 -25.82
N ASP E 108 0.80 18.46 -25.42
CA ASP E 108 -0.24 18.00 -26.32
C ASP E 108 -1.18 19.11 -26.73
N PHE E 109 -1.61 19.94 -25.78
CA PHE E 109 -2.63 20.95 -26.03
C PHE E 109 -2.04 22.34 -25.86
N TRP E 110 -2.30 23.21 -26.83
CA TRP E 110 -1.84 24.59 -26.82
C TRP E 110 -3.03 25.53 -26.75
N GLY E 111 -2.87 26.62 -26.02
CA GLY E 111 -3.91 27.63 -25.93
C GLY E 111 -4.06 28.36 -27.25
N GLN E 112 -5.02 29.30 -27.25
CA GLN E 112 -5.35 30.02 -28.48
C GLN E 112 -4.44 31.22 -28.72
N GLY E 113 -3.70 31.67 -27.72
CA GLY E 113 -2.76 32.76 -27.91
C GLY E 113 -3.39 34.11 -27.60
N THR E 114 -2.52 35.05 -27.21
CA THR E 114 -2.94 36.43 -26.94
C THR E 114 -1.95 37.37 -27.60
N THR E 115 -2.38 38.04 -28.67
CA THR E 115 -1.52 39.04 -29.29
C THR E 115 -1.13 40.07 -28.25
N LEU E 116 0.17 40.38 -28.20
CA LEU E 116 0.70 41.27 -27.16
C LEU E 116 1.81 42.11 -27.79
N THR E 117 1.50 43.36 -28.07
CA THR E 117 2.45 44.29 -28.70
C THR E 117 3.01 45.23 -27.65
N VAL E 118 4.31 45.50 -27.74
CA VAL E 118 4.99 46.44 -26.85
C VAL E 118 5.57 47.55 -27.71
N SER E 119 5.23 48.78 -27.38
CA SER E 119 5.68 49.92 -28.17
C SER E 119 7.18 50.10 -28.02
N ALA E 120 7.80 50.69 -29.05
CA ALA E 120 9.23 50.92 -29.05
C ALA E 120 9.62 51.90 -27.95
N ALA E 136 25.35 27.06 -23.41
CA ALA E 136 24.83 26.00 -22.54
C ALA E 136 23.50 25.46 -23.06
N ASP E 137 22.88 26.19 -23.99
CA ASP E 137 21.62 25.76 -24.57
C ASP E 137 21.87 24.71 -25.66
N ILE E 138 20.78 24.22 -26.26
CA ILE E 138 20.86 23.22 -27.30
C ILE E 138 20.31 23.81 -28.59
N VAL E 139 21.18 24.38 -29.42
CA VAL E 139 20.75 24.94 -30.69
C VAL E 139 20.25 23.82 -31.59
N MET E 140 19.07 24.01 -32.19
CA MET E 140 18.43 23.02 -33.04
C MET E 140 18.12 23.68 -34.37
N THR E 141 18.82 23.26 -35.42
CA THR E 141 18.69 23.90 -36.71
C THR E 141 17.73 23.14 -37.61
N GLN E 142 17.06 23.88 -38.49
CA GLN E 142 16.18 23.33 -39.51
C GLN E 142 16.87 23.50 -40.85
N ALA E 143 17.07 22.39 -41.57
CA ALA E 143 17.85 22.45 -42.81
C ALA E 143 17.20 23.39 -43.82
N THR E 144 15.87 23.34 -43.94
CA THR E 144 15.14 24.18 -44.87
C THR E 144 14.03 24.91 -44.13
N SER E 145 13.70 26.10 -44.62
CA SER E 145 12.63 26.90 -44.04
C SER E 145 11.40 27.01 -44.93
N SER E 146 11.53 26.76 -46.23
CA SER E 146 10.41 26.82 -47.15
C SER E 146 10.64 25.83 -48.28
N VAL E 147 9.65 24.97 -48.52
CA VAL E 147 9.75 23.96 -49.57
C VAL E 147 8.46 23.96 -50.38
N PRO E 148 8.50 23.63 -51.68
CA PRO E 148 7.25 23.50 -52.45
C PRO E 148 6.65 22.12 -52.32
N VAL E 149 5.38 22.05 -51.92
CA VAL E 149 4.71 20.79 -51.61
C VAL E 149 3.52 20.62 -52.54
N THR E 150 3.45 19.47 -53.21
CA THR E 150 2.29 19.15 -54.03
C THR E 150 1.24 18.44 -53.18
N PRO E 151 -0.06 18.68 -53.42
CA PRO E 151 -1.08 18.03 -52.57
C PRO E 151 -1.22 16.55 -52.85
N GLY E 152 -0.34 15.75 -52.25
CA GLY E 152 -0.40 14.31 -52.41
C GLY E 152 0.95 13.65 -52.45
N GLU E 153 2.00 14.42 -52.70
CA GLU E 153 3.36 13.90 -52.77
C GLU E 153 3.98 13.91 -51.38
N SER E 154 4.61 12.80 -51.00
CA SER E 154 5.24 12.70 -49.70
C SER E 154 6.41 13.67 -49.60
N VAL E 155 6.64 14.17 -48.39
CA VAL E 155 7.70 15.14 -48.12
C VAL E 155 8.42 14.74 -46.83
N SER E 156 9.56 15.39 -46.60
CA SER E 156 10.35 15.13 -45.41
C SER E 156 10.91 16.44 -44.88
N ILE E 157 11.08 16.50 -43.56
CA ILE E 157 11.64 17.66 -42.88
C ILE E 157 12.74 17.17 -41.94
N SER E 158 13.87 17.88 -41.94
CA SER E 158 15.04 17.48 -41.18
C SER E 158 15.31 18.46 -40.05
N CYS E 159 15.62 17.93 -38.87
CA CYS E 159 15.96 18.71 -37.68
C CYS E 159 17.30 18.22 -37.17
N ARG E 160 18.32 19.08 -37.25
CA ARG E 160 19.66 18.72 -36.81
C ARG E 160 19.93 19.39 -35.46
N SER E 161 20.08 18.57 -34.43
CA SER E 161 20.41 19.10 -33.11
C SER E 161 21.92 19.30 -32.99
N SER E 162 22.34 19.85 -31.85
CA SER E 162 23.76 20.01 -31.54
C SER E 162 24.23 18.99 -30.52
N LYS E 163 23.52 18.87 -29.40
CA LYS E 163 23.81 17.85 -28.41
C LYS E 163 22.89 16.66 -28.65
N SER E 164 23.46 15.46 -28.64
CA SER E 164 22.67 14.26 -28.89
C SER E 164 21.52 14.17 -27.89
N LEU E 165 20.31 13.99 -28.41
CA LEU E 165 19.11 13.95 -27.58
C LEU E 165 18.71 12.54 -27.18
N LEU E 166 19.48 11.53 -27.59
CA LEU E 166 19.18 10.14 -27.23
C LEU E 166 19.66 9.92 -25.80
N HIS E 167 18.77 10.17 -24.85
CA HIS E 167 19.11 10.03 -23.44
C HIS E 167 19.58 8.61 -23.16
N SER E 168 20.23 8.44 -22.00
CA SER E 168 20.80 7.14 -21.65
C SER E 168 19.75 6.05 -21.48
N ASN E 169 18.51 6.43 -21.20
CA ASN E 169 17.45 5.46 -20.93
C ASN E 169 16.56 5.22 -22.15
N GLY E 170 17.13 5.25 -23.35
CA GLY E 170 16.38 4.97 -24.56
C GLY E 170 15.57 6.13 -25.11
N ASN E 171 14.86 6.84 -24.24
CA ASN E 171 14.05 7.96 -24.68
C ASN E 171 14.91 8.97 -25.41
N THR E 172 14.44 9.43 -26.57
CA THR E 172 15.10 10.47 -27.36
C THR E 172 14.12 11.63 -27.46
N TYR E 173 14.21 12.55 -26.50
CA TYR E 173 13.21 13.60 -26.34
C TYR E 173 13.33 14.59 -27.49
N LEU E 174 12.45 14.47 -28.47
CA LEU E 174 12.38 15.43 -29.56
C LEU E 174 10.96 15.42 -30.10
N TYR E 175 10.28 16.56 -29.99
CA TYR E 175 8.90 16.70 -30.39
C TYR E 175 8.79 17.47 -31.70
N TRP E 176 7.78 17.13 -32.48
CA TRP E 176 7.45 17.83 -33.72
C TRP E 176 6.05 18.41 -33.57
N PHE E 177 5.94 19.73 -33.74
CA PHE E 177 4.68 20.46 -33.66
C PHE E 177 4.31 20.99 -35.04
N LEU E 178 3.01 21.13 -35.27
CA LEU E 178 2.48 21.71 -36.50
C LEU E 178 1.70 22.97 -36.14
N GLN E 179 1.95 24.05 -36.88
CA GLN E 179 1.21 25.30 -36.75
C GLN E 179 0.62 25.62 -38.12
N ARG E 180 -0.68 25.38 -38.28
CA ARG E 180 -1.36 25.78 -39.49
C ARG E 180 -1.48 27.30 -39.52
N PRO E 181 -1.65 27.89 -40.72
CA PRO E 181 -1.75 29.35 -40.78
C PRO E 181 -2.89 29.87 -39.92
N GLY E 182 -2.60 30.92 -39.15
CA GLY E 182 -3.60 31.54 -38.31
C GLY E 182 -4.25 30.59 -37.33
N GLN E 183 -3.44 29.79 -36.64
CA GLN E 183 -3.96 28.83 -35.66
C GLN E 183 -2.92 28.63 -34.57
N SER E 184 -3.31 27.88 -33.54
CA SER E 184 -2.42 27.54 -32.44
C SER E 184 -1.69 26.24 -32.76
N PRO E 185 -0.37 26.18 -32.60
CA PRO E 185 0.35 24.96 -32.97
C PRO E 185 -0.11 23.77 -32.13
N GLN E 186 -0.14 22.60 -32.76
CA GLN E 186 -0.58 21.37 -32.12
C GLN E 186 0.54 20.35 -32.18
N LEU E 187 0.57 19.46 -31.19
CA LEU E 187 1.60 18.43 -31.12
C LEU E 187 1.33 17.35 -32.16
N LEU E 188 2.35 17.05 -32.97
CA LEU E 188 2.29 15.96 -33.94
C LEU E 188 2.96 14.71 -33.41
N ILE E 189 4.23 14.80 -33.04
CA ILE E 189 5.01 13.64 -32.63
C ILE E 189 5.77 13.98 -31.35
N TYR E 190 5.90 13.01 -30.46
CA TYR E 190 6.68 13.18 -29.25
C TYR E 190 7.68 12.04 -29.11
N ARG E 191 8.88 12.37 -28.68
CA ARG E 191 9.98 11.41 -28.52
C ARG E 191 10.37 10.80 -29.87
N MET E 192 10.11 11.53 -30.95
CA MET E 192 10.70 11.27 -32.26
C MET E 192 10.09 10.05 -32.96
N SER E 193 9.32 9.23 -32.24
CA SER E 193 8.57 8.16 -32.89
C SER E 193 7.35 7.86 -32.03
N ASN E 194 6.26 8.56 -32.32
CA ASN E 194 4.98 8.40 -31.63
C ASN E 194 3.94 9.11 -32.46
N LEU E 195 2.73 9.26 -31.91
CA LEU E 195 1.69 10.03 -32.57
C LEU E 195 0.74 10.55 -31.51
N ALA E 196 0.54 11.86 -31.47
CA ALA E 196 -0.43 12.44 -30.56
C ALA E 196 -1.83 11.96 -30.93
N SER E 197 -2.66 11.76 -29.92
CA SER E 197 -4.01 11.26 -30.16
C SER E 197 -4.75 12.18 -31.12
N GLY E 198 -5.43 11.58 -32.10
CA GLY E 198 -6.15 12.33 -33.09
C GLY E 198 -5.33 12.82 -34.26
N VAL E 199 -4.07 12.39 -34.37
CA VAL E 199 -3.20 12.76 -35.47
C VAL E 199 -3.19 11.63 -36.49
N PRO E 200 -3.41 11.90 -37.78
CA PRO E 200 -3.41 10.82 -38.76
C PRO E 200 -2.06 10.11 -38.81
N ASP E 201 -2.11 8.82 -39.15
CA ASP E 201 -0.90 8.00 -39.16
C ASP E 201 0.08 8.39 -40.24
N ARG E 202 -0.32 9.26 -41.18
CA ARG E 202 0.58 9.65 -42.26
C ARG E 202 1.90 10.20 -41.73
N PHE E 203 1.86 10.92 -40.61
CA PHE E 203 3.08 11.47 -40.03
C PHE E 203 3.92 10.36 -39.41
N SER E 204 5.23 10.40 -39.65
CA SER E 204 6.15 9.45 -39.05
C SER E 204 7.43 10.17 -38.65
N GLY E 205 8.06 9.68 -37.60
CA GLY E 205 9.31 10.25 -37.10
C GLY E 205 10.39 9.20 -37.08
N SER E 206 11.60 9.59 -37.46
CA SER E 206 12.72 8.66 -37.53
C SER E 206 14.02 9.44 -37.39
N GLY E 207 15.14 8.73 -37.53
CA GLY E 207 16.46 9.33 -37.45
C GLY E 207 17.29 8.70 -36.34
N SER E 208 18.11 9.52 -35.71
CA SER E 208 18.95 9.08 -34.60
C SER E 208 19.38 10.32 -33.84
N GLY E 209 20.04 10.10 -32.70
CA GLY E 209 20.50 11.21 -31.88
C GLY E 209 21.30 12.22 -32.68
N THR E 210 20.95 13.49 -32.56
CA THR E 210 21.58 14.63 -33.21
C THR E 210 21.14 14.80 -34.65
N ALA E 211 20.21 13.99 -35.17
CA ALA E 211 19.68 14.22 -36.52
C ALA E 211 18.37 13.47 -36.65
N PHE E 212 17.27 14.20 -36.81
CA PHE E 212 15.94 13.61 -36.80
C PHE E 212 15.18 14.03 -38.05
N THR E 213 14.18 13.24 -38.42
CA THR E 213 13.42 13.46 -39.63
C THR E 213 11.95 13.21 -39.37
N LEU E 214 11.10 14.02 -39.99
CA LEU E 214 9.66 13.86 -39.96
C LEU E 214 9.19 13.69 -41.40
N THR E 215 8.55 12.56 -41.67
CA THR E 215 8.11 12.19 -43.01
C THR E 215 6.59 12.24 -43.09
N ILE E 216 6.07 12.87 -44.13
CA ILE E 216 4.65 12.97 -44.38
C ILE E 216 4.36 12.20 -45.67
N SER E 217 3.48 11.21 -45.58
CA SER E 217 3.12 10.36 -46.71
C SER E 217 1.70 10.68 -47.15
N ARG E 218 1.50 10.86 -48.45
CA ARG E 218 0.20 11.23 -49.00
C ARG E 218 -0.28 12.53 -48.35
N LEU E 219 0.49 13.59 -48.57
CA LEU E 219 0.20 14.87 -47.95
C LEU E 219 -1.15 15.41 -48.44
N GLU E 220 -1.93 15.92 -47.50
CA GLU E 220 -3.24 16.51 -47.79
C GLU E 220 -3.16 18.03 -47.64
N ALA E 221 -4.22 18.70 -48.09
CA ALA E 221 -4.27 20.15 -48.01
C ALA E 221 -4.39 20.66 -46.58
N GLU E 222 -4.66 19.78 -45.62
CA GLU E 222 -4.78 20.18 -44.22
C GLU E 222 -3.47 20.10 -43.46
N ASP E 223 -2.37 19.76 -44.14
CA ASP E 223 -1.06 19.67 -43.50
C ASP E 223 -0.17 20.87 -43.77
N VAL E 224 -0.53 21.73 -44.73
CA VAL E 224 0.28 22.89 -45.03
C VAL E 224 0.37 23.76 -43.78
N GLY E 225 1.59 24.23 -43.49
CA GLY E 225 1.81 25.02 -42.29
C GLY E 225 3.28 25.17 -42.01
N VAL E 226 3.60 25.33 -40.72
CA VAL E 226 4.98 25.43 -40.25
C VAL E 226 5.22 24.34 -39.23
N TYR E 227 6.27 23.56 -39.45
CA TYR E 227 6.61 22.44 -38.58
C TYR E 227 7.79 22.84 -37.70
N TYR E 228 7.57 22.83 -36.39
CA TYR E 228 8.54 23.27 -35.41
C TYR E 228 9.14 22.06 -34.70
N CYS E 229 10.46 22.05 -34.60
CA CYS E 229 11.20 21.00 -33.92
C CYS E 229 11.56 21.48 -32.52
N MET E 230 11.28 20.66 -31.52
CA MET E 230 11.56 20.99 -30.13
C MET E 230 12.31 19.85 -29.48
N GLN E 231 13.09 20.16 -28.46
CA GLN E 231 13.73 19.16 -27.62
C GLN E 231 13.25 19.35 -26.19
N HIS E 232 13.27 18.26 -25.43
CA HIS E 232 12.86 18.28 -24.03
C HIS E 232 13.91 17.66 -23.12
N LEU E 233 15.15 17.53 -23.59
CA LEU E 233 16.18 16.89 -22.79
C LEU E 233 16.47 17.70 -21.53
N GLU E 234 16.55 19.02 -21.66
CA GLU E 234 16.83 19.87 -20.50
C GLU E 234 16.37 21.29 -20.80
N TYR E 235 15.95 21.98 -19.77
CA TYR E 235 15.49 23.35 -19.92
C TYR E 235 16.69 24.30 -20.06
N PRO E 236 16.57 25.35 -20.88
CA PRO E 236 15.39 25.74 -21.66
C PRO E 236 15.15 24.83 -22.87
N LEU E 237 13.88 24.67 -23.24
CA LEU E 237 13.47 23.80 -24.34
C LEU E 237 13.52 24.60 -25.63
N THR E 238 14.72 24.74 -26.17
CA THR E 238 14.90 25.56 -27.37
C THR E 238 14.17 24.92 -28.54
N PHE E 239 13.23 25.67 -29.12
CA PHE E 239 12.49 25.21 -30.28
C PHE E 239 13.36 25.30 -31.53
N GLY E 240 12.79 24.92 -32.67
CA GLY E 240 13.46 25.08 -33.95
C GLY E 240 13.08 26.37 -34.63
N ALA E 241 13.62 26.54 -35.84
CA ALA E 241 13.34 27.72 -36.63
C ALA E 241 12.09 27.59 -37.49
N GLY E 242 11.51 26.39 -37.57
CA GLY E 242 10.31 26.20 -38.35
C GLY E 242 10.58 25.96 -39.82
N THR E 243 9.92 24.96 -40.41
CA THR E 243 10.05 24.62 -41.82
C THR E 243 8.68 24.77 -42.46
N LYS E 244 8.40 25.96 -42.99
CA LYS E 244 7.09 26.24 -43.56
C LYS E 244 6.88 25.47 -44.85
N LEU E 245 5.72 24.84 -44.97
CA LEU E 245 5.29 24.22 -46.22
C LEU E 245 4.41 25.17 -47.00
N GLU E 246 4.28 24.89 -48.30
CA GLU E 246 3.48 25.73 -49.18
C GLU E 246 2.91 24.89 -50.31
N LEU E 247 1.86 25.41 -50.93
CA LEU E 247 1.19 24.71 -52.02
C LEU E 247 1.65 25.27 -53.37
#